data_3RSI
#
_entry.id   3RSI
#
_cell.length_a   47.850
_cell.length_b   121.670
_cell.length_c   64.550
_cell.angle_alpha   90.000
_cell.angle_beta   96.650
_cell.angle_gamma   90.000
#
_symmetry.space_group_name_H-M   'P 1 21 1'
#
loop_
_entity.id
_entity.type
_entity.pdbx_description
1 polymer 'Putative enoyl-CoA hydratase/isomerase'
2 non-polymer GLYCEROL
3 non-polymer 'IODIDE ION'
4 water water
#
_entity_poly.entity_id   1
_entity_poly.type   'polypeptide(L)'
_entity_poly.pdbx_seq_one_letter_code
;GPGSMSAARELLVERDGPVVILTMNRPHRRNALSTNMVSQFAAAWDEIDHDDGIRAAILTGAGSAYCVGGDLSDGWMVRD
GSAPPLDPATIGKGLLLSHTLTKPLIAAVNGACLGGGCEMLQQTDIRVSDEHATFGLPEVQRGLVPGAGSMVRLKRQIPY
TKAMEMILTGEPLTAFEAYHFGLVGHVVPAGTALDKARSLADRIVRNGPLAVRNAKEAIVRSGWLAEEDARAIEARLTRP
VITSADAREGLAAFKEKREARFTGR
;
_entity_poly.pdbx_strand_id   A,B,C
#
loop_
_chem_comp.id
_chem_comp.type
_chem_comp.name
_chem_comp.formula
GOL non-polymer GLYCEROL 'C3 H8 O3'
IOD non-polymer 'IODIDE ION' 'I -1'
#
# COMPACT_ATOMS: atom_id res chain seq x y z
N ARG A 9 12.56 30.38 -20.30
CA ARG A 9 12.58 29.20 -19.39
C ARG A 9 11.29 29.14 -18.54
N GLU A 10 10.44 28.16 -18.81
CA GLU A 10 9.30 27.91 -17.93
C GLU A 10 9.69 26.98 -16.78
N LEU A 11 10.90 26.43 -16.85
CA LEU A 11 11.48 25.61 -15.79
C LEU A 11 12.87 26.16 -15.45
N LEU A 12 13.01 26.74 -14.26
CA LEU A 12 14.30 27.21 -13.80
C LEU A 12 15.09 26.01 -13.27
N VAL A 13 16.36 25.94 -13.66
CA VAL A 13 17.28 24.92 -13.16
C VAL A 13 18.44 25.61 -12.48
N GLU A 14 18.58 25.43 -11.17
CA GLU A 14 19.67 26.08 -10.42
C GLU A 14 20.40 25.10 -9.51
N ARG A 15 21.65 25.43 -9.21
CA ARG A 15 22.54 24.54 -8.46
C ARG A 15 22.96 25.13 -7.12
N ASP A 16 23.06 24.25 -6.13
CA ASP A 16 23.62 24.55 -4.83
C ASP A 16 24.51 23.33 -4.58
N GLY A 17 25.71 23.39 -5.17
CA GLY A 17 26.68 22.32 -5.06
C GLY A 17 26.13 21.01 -5.63
N PRO A 18 26.05 19.97 -4.78
CA PRO A 18 25.54 18.70 -5.29
C PRO A 18 24.00 18.64 -5.41
N VAL A 19 23.31 19.72 -5.02
CA VAL A 19 21.84 19.74 -5.12
C VAL A 19 21.41 20.57 -6.33
N VAL A 20 20.49 20.03 -7.12
CA VAL A 20 19.84 20.79 -8.22
C VAL A 20 18.40 21.11 -7.82
N ILE A 21 17.99 22.37 -7.98
CA ILE A 21 16.61 22.79 -7.66
C ILE A 21 15.93 23.18 -8.97
N LEU A 22 14.79 22.53 -9.24
CA LEU A 22 13.96 22.77 -10.41
C LEU A 22 12.73 23.54 -9.99
N THR A 23 12.48 24.70 -10.61
CA THR A 23 11.30 25.51 -10.25
C THR A 23 10.41 25.72 -11.46
N MET A 24 9.20 25.19 -11.40
CA MET A 24 8.18 25.42 -12.42
C MET A 24 7.78 26.87 -12.26
N ASN A 25 7.92 27.62 -13.35
CA ASN A 25 7.99 29.07 -13.29
C ASN A 25 7.06 29.77 -14.26
N ARG A 26 5.77 29.50 -14.14
CA ARG A 26 4.73 30.31 -14.79
C ARG A 26 3.62 30.59 -13.77
N PRO A 27 3.94 31.37 -12.73
CA PRO A 27 3.02 31.52 -11.60
C PRO A 27 1.68 32.11 -12.02
N HIS A 28 1.68 32.95 -13.06
CA HIS A 28 0.44 33.55 -13.55
C HIS A 28 -0.59 32.50 -14.01
N ARG A 29 -0.10 31.33 -14.43
CA ARG A 29 -0.96 30.22 -14.81
C ARG A 29 -0.83 29.04 -13.83
N ARG A 30 -0.44 29.35 -12.59
CA ARG A 30 -0.17 28.36 -11.54
C ARG A 30 0.71 27.20 -12.01
N ASN A 31 1.70 27.54 -12.84
CA ASN A 31 2.74 26.61 -13.30
C ASN A 31 2.21 25.44 -14.12
N ALA A 32 1.13 25.66 -14.85
CA ALA A 32 0.57 24.62 -15.71
C ALA A 32 1.63 24.02 -16.63
N LEU A 33 1.57 22.69 -16.83
CA LEU A 33 2.46 21.99 -17.75
C LEU A 33 2.16 22.40 -19.18
N SER A 34 3.12 23.04 -19.82
CA SER A 34 2.98 23.37 -21.21
C SER A 34 3.95 22.49 -21.98
N THR A 35 3.77 22.55 -23.30
CA THR A 35 4.66 21.90 -24.23
C THR A 35 6.13 22.23 -23.92
N ASN A 36 6.46 23.51 -23.79
CA ASN A 36 7.83 23.92 -23.51
C ASN A 36 8.33 23.43 -22.13
N MET A 37 7.45 23.46 -21.13
CA MET A 37 7.86 23.01 -19.80
C MET A 37 8.14 21.51 -19.80
N VAL A 38 7.33 20.73 -20.51
CA VAL A 38 7.57 19.30 -20.59
C VAL A 38 8.89 19.05 -21.34
N SER A 39 9.11 19.79 -22.43
CA SER A 39 10.38 19.67 -23.15
C SER A 39 11.58 20.00 -22.23
N GLN A 40 11.44 21.06 -21.45
CA GLN A 40 12.50 21.50 -20.54
C GLN A 40 12.72 20.54 -19.37
N PHE A 41 11.64 19.92 -18.88
CA PHE A 41 11.79 18.80 -17.93
C PHE A 41 12.63 17.65 -18.54
N ALA A 42 12.32 17.29 -19.78
CA ALA A 42 12.97 16.15 -20.42
C ALA A 42 14.49 16.36 -20.47
N ALA A 43 14.92 17.54 -20.91
CA ALA A 43 16.33 17.93 -20.94
C ALA A 43 16.96 18.01 -19.52
N ALA A 44 16.24 18.59 -18.57
CA ALA A 44 16.71 18.60 -17.16
C ALA A 44 16.95 17.20 -16.60
N TRP A 45 16.03 16.26 -16.83
CA TRP A 45 16.22 14.89 -16.32
C TRP A 45 17.48 14.29 -16.95
N ASP A 46 17.65 14.47 -18.25
CA ASP A 46 18.85 13.97 -18.95
C ASP A 46 20.14 14.51 -18.29
N GLU A 47 20.15 15.81 -18.01
CA GLU A 47 21.32 16.44 -17.39
C GLU A 47 21.59 15.89 -15.98
N ILE A 48 20.53 15.75 -15.21
CA ILE A 48 20.63 15.27 -13.82
C ILE A 48 21.20 13.84 -13.77
N ASP A 49 20.73 12.98 -14.67
CA ASP A 49 21.23 11.61 -14.75
C ASP A 49 22.69 11.54 -15.19
N HIS A 50 23.10 12.45 -16.07
CA HIS A 50 24.47 12.46 -16.64
C HIS A 50 25.51 13.13 -15.73
N ASP A 51 25.10 14.08 -14.89
CA ASP A 51 26.06 14.86 -14.09
C ASP A 51 26.37 14.15 -12.77
N ASP A 52 27.55 13.55 -12.68
CA ASP A 52 27.96 12.81 -11.47
C ASP A 52 28.03 13.72 -10.23
N GLY A 53 28.20 15.02 -10.44
CA GLY A 53 28.25 15.97 -9.34
C GLY A 53 26.90 16.28 -8.70
N ILE A 54 25.81 15.83 -9.32
CA ILE A 54 24.44 16.05 -8.78
C ILE A 54 24.01 14.80 -8.00
N ARG A 55 23.77 14.96 -6.70
CA ARG A 55 23.41 13.84 -5.83
C ARG A 55 21.94 13.84 -5.42
N ALA A 56 21.26 14.99 -5.59
CA ALA A 56 19.83 15.06 -5.31
C ALA A 56 19.19 16.20 -6.10
N ALA A 57 17.92 16.01 -6.42
CA ALA A 57 17.15 17.02 -7.11
C ALA A 57 15.90 17.36 -6.29
N ILE A 58 15.55 18.64 -6.29
CA ILE A 58 14.32 19.12 -5.66
C ILE A 58 13.44 19.77 -6.74
N LEU A 59 12.14 19.49 -6.68
CA LEU A 59 11.18 20.04 -7.62
C LEU A 59 10.18 20.87 -6.84
N THR A 60 9.93 22.09 -7.31
CA THR A 60 8.98 22.99 -6.64
C THR A 60 8.40 23.96 -7.66
N GLY A 61 7.40 24.73 -7.23
CA GLY A 61 6.74 25.71 -8.08
C GLY A 61 6.92 27.14 -7.58
N ALA A 62 6.97 28.09 -8.50
CA ALA A 62 6.98 29.51 -8.17
C ALA A 62 5.58 30.00 -7.76
N GLY A 63 5.54 30.98 -6.87
CA GLY A 63 4.28 31.63 -6.52
C GLY A 63 3.38 30.79 -5.61
N SER A 64 2.08 30.95 -5.75
CA SER A 64 1.18 30.41 -4.73
C SER A 64 0.96 28.90 -4.95
N ALA A 65 1.08 28.44 -6.20
CA ALA A 65 0.85 27.04 -6.54
C ALA A 65 2.13 26.28 -6.83
N TYR A 66 2.06 24.95 -6.67
CA TYR A 66 3.12 24.05 -7.09
C TYR A 66 2.96 23.81 -8.57
N CYS A 67 1.86 23.19 -8.97
CA CYS A 67 1.61 22.88 -10.37
C CYS A 67 0.16 22.41 -10.55
N VAL A 68 -0.59 23.16 -11.35
CA VAL A 68 -2.02 22.92 -11.57
C VAL A 68 -2.30 22.89 -13.07
N GLY A 69 -2.67 21.72 -13.59
CA GLY A 69 -3.15 21.62 -14.98
C GLY A 69 -2.10 21.55 -16.09
N GLY A 70 -2.57 21.76 -17.32
CA GLY A 70 -1.75 21.62 -18.52
C GLY A 70 -2.58 21.51 -19.80
N PRO A 85 3.54 18.79 -31.64
CA PRO A 85 4.74 19.62 -31.60
C PRO A 85 5.94 18.94 -30.92
N LEU A 86 5.68 18.06 -29.96
CA LEU A 86 6.73 17.30 -29.31
C LEU A 86 6.72 15.84 -29.76
N ASP A 87 7.90 15.26 -29.92
CA ASP A 87 8.05 13.83 -30.13
C ASP A 87 7.54 13.05 -28.89
N PRO A 88 6.88 11.91 -29.09
CA PRO A 88 6.36 11.22 -27.91
C PRO A 88 7.44 10.85 -26.90
N ALA A 89 8.67 10.64 -27.35
CA ALA A 89 9.76 10.35 -26.43
C ALA A 89 10.12 11.54 -25.52
N THR A 90 9.91 12.77 -25.99
CA THR A 90 10.16 13.96 -25.17
C THR A 90 9.13 14.04 -24.05
N ILE A 91 7.87 13.87 -24.43
CA ILE A 91 6.74 13.86 -23.51
C ILE A 91 6.92 12.77 -22.47
N GLY A 92 7.25 11.57 -22.93
CA GLY A 92 7.40 10.42 -22.05
C GLY A 92 8.49 10.58 -21.01
N LYS A 93 9.61 11.19 -21.41
CA LYS A 93 10.69 11.45 -20.50
C LYS A 93 10.37 12.63 -19.58
N GLY A 94 9.92 13.74 -20.17
CA GLY A 94 9.60 14.95 -19.43
C GLY A 94 8.65 14.76 -18.26
N LEU A 95 7.58 14.02 -18.52
CA LEU A 95 6.54 13.70 -17.51
C LEU A 95 6.97 12.57 -16.58
N LEU A 96 8.16 12.01 -16.79
CA LEU A 96 8.59 10.79 -16.07
C LEU A 96 7.59 9.64 -16.22
N LEU A 97 6.99 9.56 -17.42
CA LEU A 97 6.08 8.49 -17.74
C LEU A 97 6.86 7.24 -18.11
N SER A 98 7.76 7.37 -19.10
CA SER A 98 8.59 6.26 -19.55
C SER A 98 10.01 6.32 -19.00
N HIS A 99 10.28 7.27 -18.11
CA HIS A 99 11.62 7.47 -17.61
C HIS A 99 11.59 7.56 -16.09
N THR A 100 12.59 6.94 -15.49
CA THR A 100 12.81 6.99 -14.07
C THR A 100 14.14 7.67 -13.79
N LEU A 101 14.11 8.77 -13.05
CA LEU A 101 15.31 9.52 -12.70
C LEU A 101 16.24 8.64 -11.85
N THR A 102 17.53 8.67 -12.18
CA THR A 102 18.53 7.83 -11.52
C THR A 102 18.95 8.40 -10.16
N LYS A 103 18.61 9.68 -9.90
CA LYS A 103 18.91 10.38 -8.65
C LYS A 103 17.65 10.65 -7.87
N PRO A 104 17.78 10.79 -6.55
CA PRO A 104 16.62 11.05 -5.73
C PRO A 104 15.96 12.38 -6.07
N LEU A 105 14.65 12.38 -6.08
CA LEU A 105 13.85 13.54 -6.48
C LEU A 105 12.91 13.89 -5.31
N ILE A 106 13.06 15.09 -4.79
CA ILE A 106 12.29 15.55 -3.65
C ILE A 106 11.29 16.58 -4.11
N ALA A 107 10.01 16.33 -3.83
CA ALA A 107 8.97 17.29 -4.14
C ALA A 107 8.77 18.24 -2.96
N ALA A 108 8.96 19.54 -3.23
CA ALA A 108 8.67 20.61 -2.29
C ALA A 108 7.36 21.22 -2.71
N VAL A 109 6.27 20.64 -2.21
CA VAL A 109 4.95 20.99 -2.72
C VAL A 109 4.44 22.23 -1.99
N ASN A 110 4.65 23.38 -2.60
CA ASN A 110 4.40 24.68 -1.93
C ASN A 110 2.97 25.17 -1.94
N GLY A 111 2.12 24.52 -2.72
CA GLY A 111 0.73 24.96 -2.93
C GLY A 111 0.02 23.92 -3.78
N ALA A 112 -1.06 24.32 -4.46
CA ALA A 112 -1.89 23.38 -5.22
C ALA A 112 -1.08 22.51 -6.17
N CYS A 113 -1.37 21.21 -6.13
CA CYS A 113 -0.71 20.18 -6.93
C CYS A 113 -1.80 19.34 -7.61
N LEU A 114 -2.25 19.77 -8.77
CA LEU A 114 -3.44 19.17 -9.42
C LEU A 114 -3.11 18.68 -10.84
N GLY A 115 -3.77 17.59 -11.24
CA GLY A 115 -3.61 17.06 -12.60
C GLY A 115 -2.18 16.65 -12.91
N GLY A 116 -1.64 17.17 -14.01
CA GLY A 116 -0.30 16.82 -14.45
C GLY A 116 0.75 16.88 -13.34
N GLY A 117 0.62 17.88 -12.48
CA GLY A 117 1.51 18.04 -11.32
C GLY A 117 1.43 16.92 -10.31
N CYS A 118 0.21 16.46 -10.05
CA CYS A 118 -0.04 15.31 -9.18
C CYS A 118 0.33 13.97 -9.85
N GLU A 119 0.23 13.91 -11.18
CA GLU A 119 0.75 12.74 -11.94
C GLU A 119 2.27 12.58 -11.81
N MET A 120 2.99 13.67 -12.04
CA MET A 120 4.46 13.66 -11.90
C MET A 120 4.88 13.43 -10.47
N LEU A 121 4.08 13.90 -9.51
CA LEU A 121 4.34 13.66 -8.10
C LEU A 121 4.60 12.19 -7.77
N GLN A 122 3.90 11.30 -8.45
CA GLN A 122 4.05 9.86 -8.19
C GLN A 122 5.40 9.31 -8.60
N GLN A 123 6.17 10.07 -9.38
CA GLN A 123 7.53 9.67 -9.72
C GLN A 123 8.59 10.37 -8.89
N THR A 124 8.18 11.28 -8.01
CA THR A 124 9.09 11.83 -7.03
C THR A 124 9.25 10.82 -5.91
N ASP A 125 10.39 10.84 -5.24
CA ASP A 125 10.73 9.87 -4.21
C ASP A 125 10.30 10.29 -2.82
N ILE A 126 10.58 11.55 -2.48
CA ILE A 126 10.40 12.09 -1.14
C ILE A 126 9.57 13.35 -1.30
N ARG A 127 8.58 13.52 -0.44
CA ARG A 127 7.50 14.49 -0.68
C ARG A 127 7.13 15.30 0.56
N VAL A 128 7.38 16.61 0.47
CA VAL A 128 7.09 17.56 1.53
C VAL A 128 5.92 18.45 1.12
N SER A 129 4.85 18.46 1.93
CA SER A 129 3.72 19.29 1.59
C SER A 129 3.59 20.50 2.52
N ASP A 130 3.50 21.68 1.93
CA ASP A 130 3.01 22.86 2.62
C ASP A 130 1.70 22.51 3.28
N GLU A 131 1.44 23.06 4.47
CA GLU A 131 0.17 22.83 5.18
CA GLU A 131 0.18 22.77 5.16
C GLU A 131 -1.05 23.21 4.34
N HIS A 132 -0.89 24.18 3.44
CA HIS A 132 -1.99 24.61 2.60
C HIS A 132 -2.03 24.04 1.17
N ALA A 133 -1.14 23.11 0.85
CA ALA A 133 -1.18 22.43 -0.43
C ALA A 133 -2.38 21.51 -0.49
N THR A 134 -2.85 21.28 -1.70
CA THR A 134 -3.91 20.34 -1.99
C THR A 134 -3.44 19.47 -3.15
N PHE A 135 -4.03 18.28 -3.26
CA PHE A 135 -3.58 17.23 -4.16
C PHE A 135 -4.76 16.59 -4.86
N GLY A 136 -4.77 16.58 -6.18
CA GLY A 136 -5.92 16.04 -6.88
C GLY A 136 -5.68 15.71 -8.33
N LEU A 137 -6.60 14.91 -8.84
CA LEU A 137 -6.63 14.56 -10.25
C LEU A 137 -8.03 14.79 -10.80
N PRO A 138 -8.32 16.04 -11.23
CA PRO A 138 -9.67 16.38 -11.56
C PRO A 138 -10.06 15.97 -12.99
N GLU A 139 -9.18 15.24 -13.66
CA GLU A 139 -9.33 14.95 -15.08
C GLU A 139 -10.71 14.46 -15.50
N VAL A 140 -11.27 13.48 -14.78
CA VAL A 140 -12.59 12.94 -15.16
C VAL A 140 -13.72 13.97 -15.10
N GLN A 141 -13.55 15.00 -14.28
CA GLN A 141 -14.54 16.10 -14.25
C GLN A 141 -14.58 16.91 -15.56
N ARG A 142 -13.52 16.77 -16.37
CA ARG A 142 -13.44 17.45 -17.66
C ARG A 142 -13.40 16.45 -18.82
N GLY A 143 -13.84 15.23 -18.53
CA GLY A 143 -13.99 14.21 -19.56
C GLY A 143 -12.66 13.63 -20.00
N LEU A 144 -11.63 13.80 -19.17
CA LEU A 144 -10.30 13.24 -19.41
C LEU A 144 -9.97 12.17 -18.35
N VAL A 145 -8.85 11.46 -18.51
CA VAL A 145 -8.33 10.59 -17.47
C VAL A 145 -6.89 10.98 -17.13
N PRO A 146 -6.44 10.68 -15.91
CA PRO A 146 -5.05 10.97 -15.60
C PRO A 146 -4.18 9.85 -16.12
N GLY A 147 -3.85 9.90 -17.41
CA GLY A 147 -3.17 8.79 -18.08
C GLY A 147 -1.68 8.99 -18.21
N ALA A 148 -1.10 9.85 -17.37
CA ALA A 148 0.35 9.98 -17.27
C ALA A 148 0.90 9.15 -16.10
N GLY A 149 0.44 7.89 -16.00
CA GLY A 149 0.93 6.97 -14.99
C GLY A 149 0.08 6.81 -13.75
N SER A 150 -0.86 7.74 -13.50
CA SER A 150 -1.63 7.72 -12.25
C SER A 150 -2.52 6.48 -12.08
N MET A 151 -3.09 6.00 -13.15
CA MET A 151 -3.98 4.84 -13.07
C MET A 151 -3.21 3.56 -12.76
N VAL A 152 -1.98 3.49 -13.29
CA VAL A 152 -1.03 2.46 -12.94
C VAL A 152 -0.54 2.56 -11.49
N ARG A 153 -0.11 3.76 -11.10
CA ARG A 153 0.76 3.93 -9.98
C ARG A 153 0.08 4.32 -8.67
N LEU A 154 -0.97 5.15 -8.72
CA LEU A 154 -1.49 5.75 -7.47
C LEU A 154 -1.89 4.69 -6.45
N LYS A 155 -2.66 3.69 -6.89
CA LYS A 155 -3.06 2.59 -6.00
C LYS A 155 -1.90 1.76 -5.43
N ARG A 156 -0.72 1.85 -6.06
CA ARG A 156 0.47 1.14 -5.58
C ARG A 156 1.14 1.91 -4.47
N GLN A 157 0.89 3.22 -4.41
CA GLN A 157 1.59 4.13 -3.49
C GLN A 157 0.76 4.58 -2.31
N ILE A 158 -0.57 4.56 -2.45
CA ILE A 158 -1.51 4.88 -1.37
C ILE A 158 -2.64 3.83 -1.30
N PRO A 159 -3.41 3.79 -0.20
CA PRO A 159 -4.50 2.83 -0.12
C PRO A 159 -5.42 2.85 -1.33
N TYR A 160 -5.66 1.68 -1.89
CA TYR A 160 -6.50 1.51 -3.07
C TYR A 160 -7.77 2.34 -3.10
N THR A 161 -8.53 2.32 -2.02
CA THR A 161 -9.85 2.98 -2.04
C THR A 161 -9.72 4.50 -2.20
N LYS A 162 -8.65 5.08 -1.64
CA LYS A 162 -8.43 6.51 -1.80
C LYS A 162 -7.88 6.85 -3.18
N ALA A 163 -7.03 5.98 -3.73
CA ALA A 163 -6.57 6.17 -5.11
C ALA A 163 -7.75 6.12 -6.08
N MET A 164 -8.64 5.17 -5.86
CA MET A 164 -9.86 5.05 -6.62
C MET A 164 -10.74 6.28 -6.48
N GLU A 165 -10.95 6.75 -5.25
CA GLU A 165 -11.77 7.91 -5.01
C GLU A 165 -11.21 9.17 -5.69
N MET A 166 -9.90 9.36 -5.61
CA MET A 166 -9.27 10.51 -6.25
C MET A 166 -9.51 10.55 -7.75
N ILE A 167 -9.28 9.42 -8.43
CA ILE A 167 -9.33 9.38 -9.88
C ILE A 167 -10.76 9.34 -10.37
N LEU A 168 -11.64 8.60 -9.68
CA LEU A 168 -13.03 8.45 -10.11
C LEU A 168 -13.92 9.66 -9.77
N THR A 169 -13.66 10.37 -8.67
CA THR A 169 -14.41 11.58 -8.34
C THR A 169 -13.76 12.86 -8.84
N GLY A 170 -12.43 12.86 -8.92
CA GLY A 170 -11.69 14.04 -9.31
C GLY A 170 -11.50 15.07 -8.21
N GLU A 171 -11.96 14.78 -6.99
CA GLU A 171 -11.89 15.73 -5.88
C GLU A 171 -10.53 15.68 -5.17
N PRO A 172 -10.06 16.85 -4.69
CA PRO A 172 -8.75 16.97 -4.08
C PRO A 172 -8.73 16.57 -2.63
N LEU A 173 -7.52 16.29 -2.17
CA LEU A 173 -7.19 16.06 -0.78
C LEU A 173 -6.49 17.30 -0.22
N THR A 174 -6.74 17.58 1.05
CA THR A 174 -5.96 18.53 1.81
C THR A 174 -4.57 17.94 2.09
N ALA A 175 -3.66 18.76 2.59
CA ALA A 175 -2.31 18.29 2.91
C ALA A 175 -2.36 17.22 3.98
N PHE A 176 -3.21 17.41 4.99
CA PHE A 176 -3.25 16.49 6.11
C PHE A 176 -3.88 15.15 5.72
N GLU A 177 -4.83 15.18 4.80
CA GLU A 177 -5.40 13.96 4.23
C GLU A 177 -4.40 13.25 3.34
N ALA A 178 -3.67 14.00 2.50
CA ALA A 178 -2.63 13.39 1.66
C ALA A 178 -1.57 12.74 2.55
N TYR A 179 -1.25 13.37 3.67
CA TYR A 179 -0.32 12.78 4.63
C TYR A 179 -0.94 11.52 5.28
N HIS A 180 -2.22 11.62 5.64
CA HIS A 180 -2.91 10.47 6.24
C HIS A 180 -2.79 9.23 5.38
N PHE A 181 -3.00 9.40 4.09
CA PHE A 181 -3.00 8.29 3.13
C PHE A 181 -1.64 8.01 2.53
N GLY A 182 -0.59 8.65 3.03
CA GLY A 182 0.79 8.37 2.60
C GLY A 182 1.14 8.87 1.20
N LEU A 183 0.34 9.79 0.66
CA LEU A 183 0.70 10.39 -0.62
C LEU A 183 1.96 11.27 -0.48
N VAL A 184 2.10 11.91 0.67
CA VAL A 184 3.28 12.69 0.99
C VAL A 184 3.87 12.21 2.33
N GLY A 185 5.14 12.54 2.55
CA GLY A 185 5.85 12.11 3.72
C GLY A 185 5.93 13.09 4.86
N HIS A 186 5.67 14.36 4.57
CA HIS A 186 5.77 15.46 5.54
C HIS A 186 4.71 16.51 5.26
N VAL A 187 4.17 17.09 6.33
CA VAL A 187 3.42 18.33 6.25
C VAL A 187 4.16 19.34 7.13
N VAL A 188 4.42 20.51 6.57
CA VAL A 188 5.24 21.51 7.23
C VAL A 188 4.50 22.85 7.30
N PRO A 189 4.94 23.73 8.22
CA PRO A 189 4.39 25.08 8.30
C PRO A 189 4.41 25.80 6.97
N ALA A 190 3.37 26.61 6.73
CA ALA A 190 3.22 27.45 5.57
C ALA A 190 4.53 28.10 5.12
N GLY A 191 4.83 27.95 3.83
CA GLY A 191 5.99 28.61 3.25
C GLY A 191 7.33 27.94 3.52
N THR A 192 7.35 26.78 4.20
CA THR A 192 8.62 26.12 4.54
C THR A 192 8.93 24.81 3.81
N ALA A 193 8.19 24.49 2.74
CA ALA A 193 8.39 23.19 2.08
C ALA A 193 9.75 23.07 1.39
N LEU A 194 10.21 24.16 0.79
CA LEU A 194 11.51 24.15 0.11
C LEU A 194 12.61 24.08 1.16
N ASP A 195 12.44 24.80 2.26
CA ASP A 195 13.38 24.70 3.38
C ASP A 195 13.57 23.24 3.80
N LYS A 196 12.47 22.55 4.10
CA LYS A 196 12.52 21.15 4.54
C LYS A 196 13.10 20.26 3.45
N ALA A 197 12.68 20.50 2.21
CA ALA A 197 13.25 19.79 1.07
C ALA A 197 14.78 19.94 0.99
N ARG A 198 15.31 21.15 1.16
CA ARG A 198 16.77 21.35 1.15
C ARG A 198 17.46 20.58 2.29
N SER A 199 16.83 20.58 3.46
CA SER A 199 17.34 19.82 4.61
C SER A 199 17.42 18.30 4.32
N LEU A 200 16.37 17.75 3.74
CA LEU A 200 16.35 16.33 3.36
C LEU A 200 17.41 16.09 2.27
N ALA A 201 17.51 16.99 1.30
CA ALA A 201 18.50 16.88 0.25
C ALA A 201 19.92 16.86 0.85
N ASP A 202 20.15 17.68 1.87
CA ASP A 202 21.48 17.73 2.52
C ASP A 202 21.87 16.39 3.16
N ARG A 203 20.90 15.75 3.79
CA ARG A 203 21.11 14.40 4.34
C ARG A 203 21.43 13.39 3.23
N ILE A 204 20.73 13.47 2.11
CA ILE A 204 20.94 12.57 0.99
C ILE A 204 22.32 12.77 0.37
N VAL A 205 22.70 14.03 0.16
CA VAL A 205 24.01 14.41 -0.40
C VAL A 205 25.22 13.94 0.43
N ARG A 206 25.00 13.76 1.74
CA ARG A 206 25.99 13.20 2.64
C ARG A 206 26.09 11.66 2.62
N ASN A 207 25.10 11.02 1.99
CA ASN A 207 25.09 9.57 1.86
C ASN A 207 25.91 9.08 0.65
N GLY A 208 26.18 7.79 0.64
CA GLY A 208 26.97 7.16 -0.44
C GLY A 208 26.23 7.26 -1.75
N PRO A 209 26.81 7.97 -2.74
CA PRO A 209 26.07 8.17 -4.00
C PRO A 209 25.86 6.91 -4.83
N LEU A 210 26.83 6.01 -4.83
CA LEU A 210 26.63 4.72 -5.49
C LEU A 210 25.52 3.94 -4.78
N ALA A 211 25.58 3.93 -3.45
CA ALA A 211 24.57 3.26 -2.61
C ALA A 211 23.15 3.84 -2.81
N VAL A 212 23.05 5.17 -2.86
CA VAL A 212 21.75 5.83 -3.06
C VAL A 212 21.19 5.53 -4.47
N ARG A 213 22.04 5.64 -5.49
CA ARG A 213 21.66 5.34 -6.87
CA ARG A 213 21.64 5.35 -6.87
C ARG A 213 21.16 3.90 -7.01
N ASN A 214 21.97 2.94 -6.54
CA ASN A 214 21.62 1.53 -6.72
C ASN A 214 20.43 1.11 -5.85
N ALA A 215 20.28 1.76 -4.69
CA ALA A 215 19.12 1.55 -3.82
C ALA A 215 17.86 1.98 -4.56
N LYS A 216 17.87 3.21 -5.09
CA LYS A 216 16.72 3.64 -5.87
C LYS A 216 16.43 2.71 -7.06
N GLU A 217 17.46 2.35 -7.81
CA GLU A 217 17.27 1.44 -8.93
C GLU A 217 16.65 0.10 -8.48
N ALA A 218 17.14 -0.47 -7.37
CA ALA A 218 16.63 -1.75 -6.83
C ALA A 218 15.16 -1.64 -6.38
N ILE A 219 14.87 -0.55 -5.69
CA ILE A 219 13.51 -0.28 -5.23
C ILE A 219 12.57 -0.24 -6.44
N VAL A 220 12.91 0.55 -7.44
CA VAL A 220 12.03 0.72 -8.61
C VAL A 220 11.98 -0.54 -9.45
N ARG A 221 13.14 -1.09 -9.82
CA ARG A 221 13.19 -2.21 -10.76
C ARG A 221 12.57 -3.50 -10.23
N SER A 222 12.72 -3.75 -8.93
CA SER A 222 12.11 -4.91 -8.29
C SER A 222 10.57 -4.80 -8.29
N GLY A 223 10.07 -3.57 -8.25
CA GLY A 223 8.66 -3.30 -8.33
C GLY A 223 7.86 -4.21 -7.40
N TRP A 224 6.75 -4.74 -7.90
CA TRP A 224 5.88 -5.64 -7.15
C TRP A 224 5.89 -7.04 -7.82
N LEU A 225 7.04 -7.35 -8.43
CA LEU A 225 7.23 -8.59 -9.17
C LEU A 225 7.35 -9.78 -8.21
N ALA A 226 7.14 -10.98 -8.77
CA ALA A 226 7.42 -12.25 -8.07
C ALA A 226 8.68 -12.12 -7.23
N GLU A 227 8.57 -12.46 -5.94
CA GLU A 227 9.59 -12.11 -4.95
C GLU A 227 10.97 -12.78 -5.28
N GLU A 228 11.00 -14.00 -5.81
CA GLU A 228 12.26 -14.60 -6.28
C GLU A 228 12.95 -13.76 -7.35
N ASP A 229 12.20 -13.30 -8.35
CA ASP A 229 12.77 -12.45 -9.41
C ASP A 229 13.22 -11.10 -8.85
N ALA A 230 12.37 -10.52 -7.99
CA ALA A 230 12.63 -9.23 -7.36
C ALA A 230 13.89 -9.23 -6.51
N ARG A 231 14.06 -10.29 -5.71
CA ARG A 231 15.26 -10.43 -4.87
C ARG A 231 16.53 -10.66 -5.70
N ALA A 232 16.42 -11.35 -6.85
CA ALA A 232 17.57 -11.49 -7.75
C ALA A 232 17.98 -10.11 -8.32
N ILE A 233 16.98 -9.30 -8.69
CA ILE A 233 17.24 -7.90 -9.10
C ILE A 233 17.96 -7.09 -8.00
N GLU A 234 17.46 -7.23 -6.77
CA GLU A 234 18.04 -6.58 -5.58
C GLU A 234 19.49 -7.03 -5.30
N ALA A 235 19.74 -8.32 -5.37
CA ALA A 235 21.07 -8.88 -5.13
C ALA A 235 22.10 -8.35 -6.13
N ARG A 236 21.70 -8.27 -7.40
CA ARG A 236 22.61 -7.83 -8.48
C ARG A 236 23.01 -6.37 -8.30
N LEU A 237 22.07 -5.54 -7.89
CA LEU A 237 22.35 -4.14 -7.62
C LEU A 237 23.02 -3.93 -6.26
N THR A 238 22.83 -4.85 -5.34
CA THR A 238 23.48 -4.75 -4.05
C THR A 238 25.01 -5.07 -4.12
N ARG A 239 25.37 -6.07 -4.90
CA ARG A 239 26.75 -6.53 -4.98
C ARG A 239 27.83 -5.42 -5.23
N PRO A 240 27.70 -4.59 -6.28
CA PRO A 240 28.71 -3.53 -6.46
C PRO A 240 28.75 -2.51 -5.32
N VAL A 241 27.66 -2.40 -4.56
CA VAL A 241 27.70 -1.52 -3.38
C VAL A 241 28.55 -2.15 -2.30
N ILE A 242 28.31 -3.44 -2.04
CA ILE A 242 29.05 -4.16 -0.99
C ILE A 242 30.55 -4.21 -1.23
N THR A 243 30.95 -4.23 -2.50
CA THR A 243 32.36 -4.33 -2.86
C THR A 243 33.00 -2.98 -3.17
N SER A 244 32.27 -1.89 -2.94
CA SER A 244 32.74 -0.55 -3.33
C SER A 244 33.75 0.09 -2.36
N ALA A 245 34.55 1.00 -2.89
CA ALA A 245 35.41 1.88 -2.10
C ALA A 245 34.62 2.64 -1.05
N ASP A 246 33.46 3.16 -1.48
CA ASP A 246 32.57 3.92 -0.57
C ASP A 246 32.12 3.13 0.66
N ALA A 247 31.84 1.85 0.49
CA ALA A 247 31.46 0.97 1.61
C ALA A 247 32.60 0.87 2.61
N ARG A 248 33.82 0.67 2.11
CA ARG A 248 35.00 0.63 2.96
C ARG A 248 35.17 1.98 3.69
N GLU A 249 35.08 3.08 2.94
CA GLU A 249 35.20 4.43 3.54
C GLU A 249 34.13 4.65 4.60
N GLY A 250 32.91 4.16 4.36
CA GLY A 250 31.83 4.23 5.34
C GLY A 250 32.09 3.52 6.66
N LEU A 251 32.72 2.35 6.60
CA LEU A 251 33.08 1.61 7.80
C LEU A 251 34.22 2.30 8.55
N ALA A 252 35.20 2.84 7.81
CA ALA A 252 36.27 3.65 8.42
C ALA A 252 35.70 4.89 9.13
N ALA A 253 34.85 5.64 8.44
CA ALA A 253 34.26 6.85 9.02
C ALA A 253 33.33 6.59 10.22
N PHE A 254 32.68 5.43 10.25
CA PHE A 254 31.79 5.04 11.37
C PHE A 254 32.50 4.09 12.33
N LYS A 255 33.84 4.11 12.26
CA LYS A 255 34.71 3.55 13.29
C LYS A 255 35.44 4.74 13.91
N GLU A 256 36.17 5.49 13.07
CA GLU A 256 36.90 6.69 13.50
C GLU A 256 36.01 7.81 14.07
N LYS A 257 34.70 7.77 13.79
CA LYS A 257 33.74 8.74 14.35
C LYS A 257 33.77 10.12 13.64
N ARG A 258 33.94 10.09 12.32
CA ARG A 258 34.06 11.32 11.51
C ARG A 258 33.04 11.25 10.38
N GLU A 259 32.93 12.33 9.61
CA GLU A 259 32.08 12.36 8.41
C GLU A 259 32.78 11.58 7.30
N ALA A 260 32.01 10.77 6.58
CA ALA A 260 32.53 10.01 5.45
C ALA A 260 32.78 10.96 4.28
N ARG A 261 33.86 10.74 3.55
CA ARG A 261 34.10 11.40 2.27
C ARG A 261 33.91 10.39 1.13
N PHE A 262 32.71 10.38 0.56
CA PHE A 262 32.37 9.41 -0.47
C PHE A 262 32.73 9.94 -1.84
N THR A 263 33.00 9.02 -2.77
CA THR A 263 33.33 9.36 -4.17
C THR A 263 32.38 8.74 -5.21
N GLY A 264 31.48 7.84 -4.80
CA GLY A 264 30.57 7.18 -5.73
C GLY A 264 31.23 5.99 -6.42
N ARG A 265 32.31 5.50 -5.82
CA ARG A 265 33.03 4.34 -6.37
C ARG A 265 33.24 3.28 -5.27
N ALA B 8 -39.12 -7.23 0.56
CA ALA B 8 -38.77 -8.55 1.16
C ALA B 8 -37.60 -9.23 0.47
N ARG B 9 -37.35 -8.90 -0.82
CA ARG B 9 -36.24 -9.48 -1.59
C ARG B 9 -34.92 -9.38 -0.82
N GLU B 10 -34.01 -10.34 -1.01
CA GLU B 10 -32.77 -10.36 -0.20
C GLU B 10 -31.75 -9.32 -0.65
N LEU B 11 -31.85 -8.94 -1.94
CA LEU B 11 -31.12 -7.76 -2.41
C LEU B 11 -32.10 -6.77 -3.03
N LEU B 12 -32.31 -5.64 -2.36
CA LEU B 12 -33.13 -4.57 -2.90
C LEU B 12 -32.36 -3.78 -3.97
N VAL B 13 -33.05 -3.51 -5.07
CA VAL B 13 -32.45 -2.78 -6.17
C VAL B 13 -33.34 -1.56 -6.45
N GLU B 14 -32.76 -0.37 -6.26
CA GLU B 14 -33.47 0.88 -6.42
C GLU B 14 -32.72 1.78 -7.40
N ARG B 15 -33.42 2.29 -8.41
CA ARG B 15 -32.85 3.19 -9.41
C ARG B 15 -33.24 4.64 -9.09
N ASP B 16 -32.26 5.52 -8.89
CA ASP B 16 -32.47 6.97 -8.71
C ASP B 16 -31.70 7.73 -9.81
N GLY B 17 -32.33 7.88 -10.98
CA GLY B 17 -31.66 8.49 -12.10
C GLY B 17 -30.44 7.68 -12.51
N PRO B 18 -29.27 8.32 -12.64
CA PRO B 18 -28.07 7.57 -13.04
C PRO B 18 -27.42 6.69 -11.95
N VAL B 19 -27.97 6.70 -10.73
CA VAL B 19 -27.45 5.91 -9.60
C VAL B 19 -28.36 4.70 -9.28
N VAL B 20 -27.76 3.56 -9.00
CA VAL B 20 -28.48 2.38 -8.48
C VAL B 20 -27.98 2.16 -7.07
N ILE B 21 -28.92 1.89 -6.16
CA ILE B 21 -28.63 1.55 -4.78
C ILE B 21 -29.03 0.12 -4.53
N LEU B 22 -28.07 -0.67 -4.07
CA LEU B 22 -28.24 -2.07 -3.74
C LEU B 22 -28.27 -2.19 -2.23
N THR B 23 -29.29 -2.84 -1.69
CA THR B 23 -29.40 -2.98 -0.26
C THR B 23 -29.51 -4.45 0.11
N MET B 24 -28.48 -4.96 0.80
CA MET B 24 -28.48 -6.30 1.32
C MET B 24 -29.54 -6.34 2.42
N ASN B 25 -30.50 -7.24 2.29
CA ASN B 25 -31.74 -7.21 3.08
C ASN B 25 -32.14 -8.57 3.68
N ARG B 26 -31.45 -8.96 4.75
CA ARG B 26 -31.86 -10.12 5.56
C ARG B 26 -31.66 -9.77 7.02
N PRO B 27 -32.58 -8.98 7.58
CA PRO B 27 -32.38 -8.45 8.93
C PRO B 27 -32.20 -9.51 10.01
N HIS B 28 -32.91 -10.62 9.89
CA HIS B 28 -32.82 -11.75 10.80
C HIS B 28 -31.43 -12.39 10.86
N ARG B 29 -30.58 -12.10 9.89
CA ARG B 29 -29.19 -12.56 9.85
C ARG B 29 -28.22 -11.40 9.64
N ARG B 30 -28.64 -10.18 10.01
CA ARG B 30 -27.89 -8.95 9.75
C ARG B 30 -27.22 -8.95 8.36
N ASN B 31 -28.03 -9.30 7.38
CA ASN B 31 -27.72 -9.16 5.96
C ASN B 31 -26.61 -10.09 5.47
N ALA B 32 -26.42 -11.21 6.17
CA ALA B 32 -25.49 -12.25 5.76
C ALA B 32 -25.78 -12.71 4.34
N LEU B 33 -24.73 -12.89 3.56
CA LEU B 33 -24.85 -13.42 2.21
C LEU B 33 -25.56 -14.77 2.22
N SER B 34 -26.42 -14.98 1.23
CA SER B 34 -27.02 -16.29 1.00
C SER B 34 -26.85 -16.61 -0.48
N THR B 35 -27.06 -17.88 -0.85
CA THR B 35 -26.96 -18.27 -2.26
C THR B 35 -27.89 -17.41 -3.09
N ASN B 36 -29.09 -17.19 -2.57
CA ASN B 36 -30.08 -16.32 -3.18
C ASN B 36 -29.61 -14.89 -3.45
N MET B 37 -29.09 -14.25 -2.41
CA MET B 37 -28.54 -12.91 -2.49
C MET B 37 -27.40 -12.87 -3.50
N VAL B 38 -26.56 -13.90 -3.50
CA VAL B 38 -25.43 -13.92 -4.42
C VAL B 38 -25.91 -14.03 -5.87
N SER B 39 -26.91 -14.88 -6.14
CA SER B 39 -27.54 -14.90 -7.48
C SER B 39 -28.12 -13.53 -7.86
N GLN B 40 -28.77 -12.86 -6.91
CA GLN B 40 -29.35 -11.55 -7.16
C GLN B 40 -28.24 -10.51 -7.39
N PHE B 41 -27.11 -10.65 -6.69
CA PHE B 41 -25.92 -9.83 -6.97
C PHE B 41 -25.47 -10.00 -8.45
N ALA B 42 -25.28 -11.25 -8.87
CA ALA B 42 -24.82 -11.53 -10.24
C ALA B 42 -25.71 -10.82 -11.24
N ALA B 43 -27.02 -10.98 -11.05
CA ALA B 43 -28.00 -10.32 -11.92
C ALA B 43 -27.87 -8.78 -11.88
N ALA B 44 -27.67 -8.21 -10.71
CA ALA B 44 -27.56 -6.75 -10.55
C ALA B 44 -26.29 -6.21 -11.24
N TRP B 45 -25.18 -6.92 -11.13
CA TRP B 45 -23.95 -6.49 -11.81
C TRP B 45 -24.17 -6.46 -13.33
N ASP B 46 -24.86 -7.48 -13.87
CA ASP B 46 -25.16 -7.54 -15.30
C ASP B 46 -26.01 -6.35 -15.74
N GLU B 47 -27.04 -6.01 -14.97
CA GLU B 47 -27.87 -4.84 -15.23
C GLU B 47 -27.07 -3.54 -15.20
N ILE B 48 -26.21 -3.41 -14.18
CA ILE B 48 -25.39 -2.19 -14.03
C ILE B 48 -24.37 -2.05 -15.17
N ASP B 49 -23.79 -3.18 -15.59
CA ASP B 49 -22.79 -3.17 -16.67
C ASP B 49 -23.40 -2.88 -18.05
N HIS B 50 -24.64 -3.27 -18.25
CA HIS B 50 -25.30 -3.22 -19.56
CA HIS B 50 -25.19 -3.16 -19.58
C HIS B 50 -26.02 -1.90 -19.82
N ASP B 51 -26.47 -1.23 -18.77
CA ASP B 51 -27.22 0.00 -18.94
C ASP B 51 -26.31 1.23 -18.88
N ASP B 52 -26.02 1.80 -20.05
CA ASP B 52 -25.17 2.99 -20.17
C ASP B 52 -25.62 4.18 -19.30
N GLY B 53 -26.92 4.28 -19.04
CA GLY B 53 -27.49 5.32 -18.18
C GLY B 53 -27.19 5.16 -16.69
N ILE B 54 -26.73 3.99 -16.30
CA ILE B 54 -26.26 3.80 -14.92
C ILE B 54 -24.81 4.25 -14.86
N ARG B 55 -24.54 5.31 -14.10
CA ARG B 55 -23.16 5.86 -13.98
C ARG B 55 -22.44 5.54 -12.66
N ALA B 56 -23.18 5.09 -11.65
CA ALA B 56 -22.61 4.73 -10.37
C ALA B 56 -23.57 3.82 -9.61
N ALA B 57 -23.00 2.94 -8.78
CA ALA B 57 -23.74 2.03 -7.94
C ALA B 57 -23.30 2.17 -6.48
N ILE B 58 -24.27 2.07 -5.57
CA ILE B 58 -24.04 2.15 -4.14
C ILE B 58 -24.49 0.84 -3.50
N LEU B 59 -23.65 0.33 -2.59
CA LEU B 59 -23.93 -0.91 -1.87
C LEU B 59 -24.02 -0.63 -0.38
N THR B 60 -25.11 -1.07 0.23
CA THR B 60 -25.37 -0.83 1.62
C THR B 60 -26.19 -1.97 2.19
N GLY B 61 -26.38 -1.96 3.50
CA GLY B 61 -27.17 -2.97 4.18
C GLY B 61 -28.41 -2.37 4.80
N ALA B 62 -29.45 -3.18 4.92
CA ALA B 62 -30.68 -2.78 5.61
C ALA B 62 -30.48 -2.68 7.13
N GLY B 63 -31.06 -1.64 7.72
CA GLY B 63 -31.03 -1.45 9.17
C GLY B 63 -29.65 -1.01 9.65
N SER B 64 -29.21 -1.57 10.76
CA SER B 64 -28.02 -1.07 11.45
C SER B 64 -26.79 -1.96 11.27
N ALA B 65 -26.88 -2.89 10.32
CA ALA B 65 -25.76 -3.76 9.94
C ALA B 65 -25.55 -3.70 8.44
N TYR B 66 -24.30 -3.82 8.00
CA TYR B 66 -24.00 -3.84 6.57
C TYR B 66 -24.14 -5.27 6.07
N CYS B 67 -23.25 -6.16 6.52
CA CYS B 67 -23.29 -7.55 6.16
C CYS B 67 -22.35 -8.29 7.11
N VAL B 68 -22.91 -9.17 7.94
CA VAL B 68 -22.15 -9.99 8.90
C VAL B 68 -22.31 -11.38 8.29
N GLY B 69 -21.28 -11.71 7.56
CA GLY B 69 -21.51 -11.88 6.18
C GLY B 69 -21.83 -13.21 5.62
N GLY B 70 -21.69 -14.23 6.43
CA GLY B 70 -21.38 -15.57 5.96
C GLY B 70 -22.44 -16.29 5.20
N ASP B 71 -22.53 -17.60 5.44
CA ASP B 71 -23.57 -18.45 4.83
C ASP B 71 -23.34 -18.72 3.33
N LEU B 86 28.94 -18.56 6.98
CA LEU B 86 27.84 -19.51 6.95
C LEU B 86 27.49 -19.95 5.53
N ASP B 87 26.87 -21.11 5.44
CA ASP B 87 26.15 -21.60 4.26
C ASP B 87 25.13 -20.53 3.74
N PRO B 88 25.08 -20.27 2.41
CA PRO B 88 24.07 -19.35 1.87
C PRO B 88 22.61 -19.75 2.15
N ALA B 89 22.34 -21.05 2.18
CA ALA B 89 21.05 -21.57 2.64
C ALA B 89 20.75 -21.13 4.07
N THR B 90 21.72 -21.27 4.95
CA THR B 90 21.54 -20.93 6.36
C THR B 90 21.33 -19.43 6.51
N ILE B 91 22.18 -18.64 5.86
CA ILE B 91 22.06 -17.16 5.93
C ILE B 91 20.70 -16.69 5.42
N GLY B 92 20.32 -17.15 4.22
CA GLY B 92 19.05 -16.74 3.60
C GLY B 92 17.85 -17.09 4.45
N LYS B 93 17.86 -18.32 4.99
CA LYS B 93 16.82 -18.78 5.89
C LYS B 93 16.81 -18.00 7.21
N GLY B 94 17.95 -17.82 7.87
CA GLY B 94 18.00 -17.12 9.15
C GLY B 94 17.43 -15.70 9.09
N LEU B 95 17.81 -14.97 8.05
CA LEU B 95 17.35 -13.62 7.79
C LEU B 95 15.94 -13.55 7.26
N LEU B 96 15.29 -14.69 7.06
CA LEU B 96 14.00 -14.78 6.37
C LEU B 96 14.02 -14.04 5.01
N LEU B 97 15.18 -14.09 4.36
CA LEU B 97 15.34 -13.50 3.06
C LEU B 97 14.86 -14.47 1.97
N SER B 98 15.34 -15.70 2.03
CA SER B 98 14.88 -16.74 1.12
C SER B 98 13.91 -17.71 1.76
N HIS B 99 13.49 -17.44 2.99
CA HIS B 99 12.59 -18.35 3.68
C HIS B 99 11.40 -17.55 4.19
N THR B 100 10.24 -18.17 4.17
CA THR B 100 9.05 -17.60 4.74
C THR B 100 8.60 -18.56 5.82
N LEU B 101 8.46 -18.07 7.06
CA LEU B 101 8.02 -18.93 8.17
C LEU B 101 6.61 -19.44 7.88
N THR B 102 6.36 -20.71 8.17
CA THR B 102 5.07 -21.33 7.85
C THR B 102 3.97 -20.98 8.86
N LYS B 103 4.40 -20.48 10.02
CA LYS B 103 3.51 -20.14 11.13
C LYS B 103 3.53 -18.63 11.34
N PRO B 104 2.50 -18.06 11.98
CA PRO B 104 2.51 -16.62 12.20
C PRO B 104 3.66 -16.18 13.12
N LEU B 105 4.26 -15.04 12.77
CA LEU B 105 5.38 -14.45 13.50
C LEU B 105 4.99 -13.03 13.95
N ILE B 106 5.00 -12.83 15.26
CA ILE B 106 4.59 -11.59 15.88
C ILE B 106 5.80 -10.87 16.43
N ALA B 107 6.06 -9.66 15.94
CA ALA B 107 7.15 -8.85 16.43
C ALA B 107 6.67 -8.05 17.62
N ALA B 108 7.35 -8.23 18.75
CA ALA B 108 7.20 -7.38 19.91
C ALA B 108 8.38 -6.42 19.89
N VAL B 109 8.21 -5.27 19.25
CA VAL B 109 9.33 -4.34 19.05
C VAL B 109 9.48 -3.47 20.28
N ASN B 110 10.39 -3.88 21.16
CA ASN B 110 10.52 -3.30 22.49
C ASN B 110 11.42 -2.08 22.53
N GLY B 111 12.08 -1.78 21.43
CA GLY B 111 13.00 -0.64 21.36
C GLY B 111 13.55 -0.48 19.97
N ALA B 112 14.74 0.12 19.86
CA ALA B 112 15.34 0.45 18.56
C ALA B 112 15.33 -0.73 17.61
N CYS B 113 14.87 -0.50 16.38
CA CYS B 113 14.74 -1.54 15.38
C CYS B 113 15.34 -1.02 14.08
N LEU B 114 16.63 -1.28 13.91
CA LEU B 114 17.42 -0.59 12.89
C LEU B 114 18.22 -1.57 12.05
N GLY B 115 18.40 -1.26 10.78
CA GLY B 115 19.26 -2.08 9.93
C GLY B 115 18.68 -3.47 9.75
N GLY B 116 19.50 -4.49 9.97
CA GLY B 116 19.08 -5.89 9.86
C GLY B 116 17.82 -6.22 10.63
N GLY B 117 17.63 -5.61 11.79
CA GLY B 117 16.42 -5.82 12.58
C GLY B 117 15.16 -5.38 11.84
N CYS B 118 15.27 -4.24 11.16
CA CYS B 118 14.16 -3.66 10.45
C CYS B 118 13.99 -4.36 9.11
N GLU B 119 15.08 -4.90 8.56
CA GLU B 119 14.96 -5.76 7.39
C GLU B 119 14.15 -7.02 7.71
N MET B 120 14.48 -7.69 8.80
CA MET B 120 13.75 -8.90 9.20
C MET B 120 12.29 -8.63 9.63
N LEU B 121 12.03 -7.43 10.12
CA LEU B 121 10.69 -7.05 10.54
C LEU B 121 9.67 -7.20 9.40
N GLN B 122 10.11 -6.99 8.16
CA GLN B 122 9.25 -7.09 7.00
C GLN B 122 8.77 -8.51 6.72
N GLN B 123 9.40 -9.51 7.33
CA GLN B 123 8.98 -10.90 7.24
C GLN B 123 8.27 -11.37 8.53
N THR B 124 8.07 -10.46 9.47
CA THR B 124 7.11 -10.70 10.53
C THR B 124 5.72 -10.32 10.01
N ASP B 125 4.70 -10.92 10.60
CA ASP B 125 3.31 -10.76 10.14
C ASP B 125 2.54 -9.66 10.84
N ILE B 126 2.63 -9.70 12.16
CA ILE B 126 1.85 -8.86 13.07
C ILE B 126 2.87 -8.15 13.96
N ARG B 127 2.68 -6.84 14.16
CA ARG B 127 3.77 -6.02 14.70
C ARG B 127 3.26 -5.08 15.75
N VAL B 128 3.83 -5.19 16.94
CA VAL B 128 3.49 -4.35 18.07
C VAL B 128 4.71 -3.49 18.42
N SER B 129 4.53 -2.18 18.46
CA SER B 129 5.62 -1.27 18.79
C SER B 129 5.49 -0.64 20.15
N ASP B 130 6.55 -0.79 20.95
CA ASP B 130 6.73 0.04 22.12
C ASP B 130 6.66 1.51 21.69
N GLU B 131 5.97 2.31 22.51
CA GLU B 131 5.95 3.75 22.45
C GLU B 131 7.29 4.41 22.06
N HIS B 132 8.38 3.89 22.59
CA HIS B 132 9.69 4.51 22.39
C HIS B 132 10.57 3.82 21.33
N ALA B 133 10.07 2.78 20.69
CA ALA B 133 10.77 2.15 19.56
C ALA B 133 10.98 3.12 18.39
N THR B 134 12.04 2.87 17.64
CA THR B 134 12.32 3.60 16.39
C THR B 134 12.61 2.57 15.29
N PHE B 135 12.40 2.98 14.04
CA PHE B 135 12.50 2.09 12.87
C PHE B 135 13.32 2.74 11.77
N GLY B 136 14.34 2.08 11.29
CA GLY B 136 15.22 2.74 10.35
C GLY B 136 16.13 1.79 9.61
N LEU B 137 16.61 2.25 8.48
CA LEU B 137 17.54 1.54 7.63
C LEU B 137 18.61 2.53 7.24
N PRO B 138 19.63 2.70 8.10
CA PRO B 138 20.62 3.75 7.92
C PRO B 138 21.73 3.43 6.93
N GLU B 139 21.63 2.28 6.27
CA GLU B 139 22.70 1.71 5.48
C GLU B 139 23.40 2.68 4.56
N VAL B 140 22.61 3.44 3.80
CA VAL B 140 23.17 4.42 2.84
C VAL B 140 24.08 5.47 3.45
N GLN B 141 23.86 5.79 4.73
CA GLN B 141 24.72 6.73 5.47
C GLN B 141 26.17 6.20 5.63
N ARG B 142 26.35 4.88 5.53
CA ARG B 142 27.66 4.27 5.59
C ARG B 142 28.04 3.65 4.24
N GLY B 143 27.39 4.05 3.17
CA GLY B 143 27.78 3.58 1.84
C GLY B 143 27.40 2.12 1.59
N LEU B 144 26.39 1.65 2.33
CA LEU B 144 25.80 0.31 2.12
C LEU B 144 24.35 0.47 1.67
N VAL B 145 23.71 -0.65 1.31
CA VAL B 145 22.27 -0.65 1.08
C VAL B 145 21.56 -1.71 1.92
N PRO B 146 20.28 -1.49 2.26
CA PRO B 146 19.52 -2.55 2.93
C PRO B 146 19.06 -3.62 1.93
N GLY B 147 20.00 -4.52 1.62
CA GLY B 147 19.81 -5.56 0.61
C GLY B 147 19.37 -6.90 1.16
N ALA B 148 18.85 -6.90 2.37
CA ALA B 148 18.21 -8.10 2.95
C ALA B 148 16.69 -8.05 2.76
N GLY B 149 16.27 -7.67 1.56
CA GLY B 149 14.85 -7.68 1.18
C GLY B 149 14.12 -6.35 1.22
N SER B 150 14.70 -5.33 1.86
CA SER B 150 13.98 -4.06 2.12
C SER B 150 13.65 -3.30 0.83
N MET B 151 14.55 -3.37 -0.14
CA MET B 151 14.35 -2.63 -1.38
C MET B 151 13.25 -3.24 -2.23
N VAL B 152 13.13 -4.56 -2.20
CA VAL B 152 11.98 -5.29 -2.78
C VAL B 152 10.68 -5.01 -1.99
N ARG B 153 10.76 -5.16 -0.66
CA ARG B 153 9.58 -5.32 0.17
C ARG B 153 8.95 -4.07 0.75
N LEU B 154 9.77 -3.11 1.17
CA LEU B 154 9.29 -2.05 2.06
C LEU B 154 8.17 -1.26 1.42
N LYS B 155 8.36 -0.86 0.15
CA LYS B 155 7.34 -0.15 -0.61
C LYS B 155 6.09 -0.97 -0.83
N ARG B 156 6.17 -2.30 -0.70
CA ARG B 156 4.98 -3.13 -0.82
C ARG B 156 4.11 -3.09 0.42
N GLN B 157 4.73 -2.73 1.54
CA GLN B 157 4.11 -2.88 2.85
C GLN B 157 3.67 -1.55 3.48
N ILE B 158 4.31 -0.45 3.08
CA ILE B 158 3.98 0.92 3.56
C ILE B 158 4.02 1.89 2.37
N PRO B 159 3.43 3.08 2.54
CA PRO B 159 3.37 3.97 1.39
C PRO B 159 4.73 4.26 0.75
N TYR B 160 4.75 4.10 -0.58
CA TYR B 160 5.92 4.27 -1.42
C TYR B 160 6.81 5.42 -1.00
N THR B 161 6.25 6.61 -0.82
CA THR B 161 7.11 7.77 -0.54
C THR B 161 7.86 7.64 0.78
N LYS B 162 7.26 7.01 1.78
CA LYS B 162 7.95 6.82 3.06
C LYS B 162 8.96 5.65 3.02
N ALA B 163 8.65 4.59 2.27
CA ALA B 163 9.64 3.55 2.00
C ALA B 163 10.89 4.14 1.32
N MET B 164 10.66 4.93 0.27
CA MET B 164 11.75 5.58 -0.46
C MET B 164 12.56 6.48 0.46
N GLU B 165 11.86 7.31 1.25
CA GLU B 165 12.51 8.24 2.14
C GLU B 165 13.39 7.51 3.15
N MET B 166 12.87 6.46 3.78
CA MET B 166 13.63 5.70 4.76
C MET B 166 14.95 5.16 4.19
N ILE B 167 14.87 4.60 2.99
CA ILE B 167 16.02 3.93 2.38
C ILE B 167 17.03 4.92 1.81
N LEU B 168 16.54 5.95 1.13
CA LEU B 168 17.44 6.93 0.51
C LEU B 168 18.03 7.93 1.51
N THR B 169 17.31 8.30 2.59
CA THR B 169 17.88 9.20 3.60
C THR B 169 18.60 8.43 4.71
N GLY B 170 18.10 7.24 5.01
CA GLY B 170 18.63 6.41 6.10
C GLY B 170 18.13 6.83 7.46
N GLU B 171 17.20 7.78 7.50
CA GLU B 171 16.74 8.33 8.77
C GLU B 171 15.58 7.52 9.37
N PRO B 172 15.57 7.38 10.71
CA PRO B 172 14.58 6.54 11.39
C PRO B 172 13.20 7.15 11.55
N LEU B 173 12.21 6.29 11.78
CA LEU B 173 10.87 6.74 12.11
C LEU B 173 10.64 6.56 13.59
N THR B 174 9.80 7.41 14.17
CA THR B 174 9.29 7.17 15.52
C THR B 174 8.24 6.09 15.47
N ALA B 175 7.83 5.62 16.65
CA ALA B 175 6.80 4.58 16.74
C ALA B 175 5.48 5.11 16.21
N PHE B 176 5.19 6.38 16.50
CA PHE B 176 3.97 7.04 16.03
C PHE B 176 3.95 7.12 14.49
N GLU B 177 5.08 7.48 13.91
CA GLU B 177 5.23 7.49 12.45
C GLU B 177 5.12 6.11 11.82
N ALA B 178 5.76 5.13 12.45
CA ALA B 178 5.72 3.73 12.02
C ALA B 178 4.28 3.27 12.02
N TYR B 179 3.53 3.67 13.04
CA TYR B 179 2.10 3.31 13.08
C TYR B 179 1.30 4.11 12.06
N HIS B 180 1.60 5.40 11.89
CA HIS B 180 0.92 6.22 10.87
C HIS B 180 0.99 5.60 9.46
N PHE B 181 2.19 5.15 9.09
CA PHE B 181 2.45 4.61 7.76
C PHE B 181 2.24 3.09 7.66
N GLY B 182 1.74 2.48 8.73
CA GLY B 182 1.36 1.07 8.75
C GLY B 182 2.50 0.10 8.71
N LEU B 183 3.70 0.54 9.06
CA LEU B 183 4.82 -0.39 9.20
C LEU B 183 4.54 -1.34 10.38
N VAL B 184 3.88 -0.81 11.41
CA VAL B 184 3.44 -1.62 12.55
C VAL B 184 1.93 -1.49 12.72
N GLY B 185 1.34 -2.41 13.46
CA GLY B 185 -0.10 -2.46 13.64
C GLY B 185 -0.61 -1.96 14.97
N HIS B 186 0.30 -1.76 15.93
CA HIS B 186 -0.05 -1.25 17.25
C HIS B 186 1.11 -0.40 17.81
N VAL B 187 0.77 0.62 18.60
CA VAL B 187 1.75 1.31 19.44
C VAL B 187 1.22 1.24 20.87
N VAL B 188 2.04 0.75 21.79
CA VAL B 188 1.58 0.47 23.15
C VAL B 188 2.48 1.16 24.18
N PRO B 189 2.01 1.31 25.44
CA PRO B 189 2.83 1.97 26.45
C PRO B 189 4.17 1.27 26.70
N ALA B 190 5.17 2.08 27.01
CA ALA B 190 6.53 1.63 27.32
C ALA B 190 6.56 0.33 28.11
N GLY B 191 7.28 -0.65 27.62
CA GLY B 191 7.50 -1.89 28.36
C GLY B 191 6.42 -2.94 28.20
N THR B 192 5.37 -2.67 27.41
CA THR B 192 4.23 -3.61 27.29
C THR B 192 4.13 -4.37 25.94
N ALA B 193 5.06 -4.13 25.02
CA ALA B 193 5.00 -4.78 23.67
C ALA B 193 4.89 -6.29 23.73
N LEU B 194 5.69 -6.93 24.58
CA LEU B 194 5.66 -8.39 24.72
C LEU B 194 4.32 -8.87 25.34
N ASP B 195 3.78 -8.10 26.29
CA ASP B 195 2.45 -8.39 26.81
C ASP B 195 1.40 -8.43 25.68
N LYS B 196 1.35 -7.37 24.89
CA LYS B 196 0.39 -7.28 23.81
C LYS B 196 0.62 -8.39 22.79
N ALA B 197 1.90 -8.65 22.48
CA ALA B 197 2.25 -9.72 21.54
C ALA B 197 1.72 -11.08 22.02
N ARG B 198 1.87 -11.34 23.32
CA ARG B 198 1.37 -12.59 23.90
C ARG B 198 -0.14 -12.71 23.79
N SER B 199 -0.82 -11.60 23.99
CA SER B 199 -2.28 -11.59 23.88
C SER B 199 -2.72 -11.91 22.44
N LEU B 200 -2.03 -11.34 21.46
CA LEU B 200 -2.32 -11.64 20.04
C LEU B 200 -2.04 -13.11 19.71
N ALA B 201 -0.90 -13.62 20.19
CA ALA B 201 -0.54 -15.02 20.03
C ALA B 201 -1.60 -15.96 20.59
N ASP B 202 -2.10 -15.66 21.78
CA ASP B 202 -3.16 -16.47 22.39
C ASP B 202 -4.39 -16.56 21.48
N ARG B 203 -4.73 -15.45 20.83
CA ARG B 203 -5.86 -15.42 19.92
C ARG B 203 -5.55 -16.34 18.73
N ILE B 204 -4.32 -16.26 18.23
CA ILE B 204 -3.92 -17.04 17.05
C ILE B 204 -3.91 -18.53 17.33
N VAL B 205 -3.41 -18.93 18.50
CA VAL B 205 -3.34 -20.38 18.82
C VAL B 205 -4.72 -21.03 19.06
N ARG B 206 -5.76 -20.22 19.24
CA ARG B 206 -7.14 -20.72 19.29
C ARG B 206 -7.78 -20.93 17.92
N ASN B 207 -7.15 -20.39 16.88
CA ASN B 207 -7.64 -20.50 15.51
C ASN B 207 -7.21 -21.82 14.86
N GLY B 208 -7.91 -22.24 13.82
CA GLY B 208 -7.60 -23.50 13.14
C GLY B 208 -6.18 -23.44 12.59
N PRO B 209 -5.31 -24.40 12.96
CA PRO B 209 -3.92 -24.31 12.52
C PRO B 209 -3.69 -24.50 11.02
N LEU B 210 -4.49 -25.34 10.37
CA LEU B 210 -4.36 -25.49 8.90
C LEU B 210 -4.87 -24.23 8.22
N ALA B 211 -5.95 -23.68 8.75
CA ALA B 211 -6.54 -22.43 8.27
C ALA B 211 -5.54 -21.29 8.37
N VAL B 212 -4.91 -21.13 9.54
CA VAL B 212 -3.89 -20.09 9.74
C VAL B 212 -2.65 -20.26 8.82
N ARG B 213 -2.09 -21.46 8.75
CA ARG B 213 -0.95 -21.75 7.86
C ARG B 213 -1.30 -21.48 6.38
N ASN B 214 -2.41 -22.03 5.91
CA ASN B 214 -2.77 -21.84 4.49
C ASN B 214 -3.14 -20.42 4.18
N ALA B 215 -3.74 -19.72 5.14
CA ALA B 215 -4.06 -18.30 4.94
C ALA B 215 -2.78 -17.46 4.79
N LYS B 216 -1.83 -17.64 5.69
CA LYS B 216 -0.53 -16.96 5.55
C LYS B 216 0.15 -17.30 4.24
N GLU B 217 0.15 -18.56 3.86
CA GLU B 217 0.82 -18.98 2.65
C GLU B 217 0.12 -18.41 1.42
N ALA B 218 -1.22 -18.32 1.45
CA ALA B 218 -1.97 -17.76 0.32
C ALA B 218 -1.71 -16.25 0.18
N ILE B 219 -1.70 -15.57 1.32
CA ILE B 219 -1.40 -14.14 1.37
C ILE B 219 0.00 -13.88 0.80
N VAL B 220 1.00 -14.63 1.27
CA VAL B 220 2.38 -14.40 0.82
C VAL B 220 2.64 -14.82 -0.62
N ARG B 221 2.24 -16.04 -0.98
CA ARG B 221 2.56 -16.58 -2.28
C ARG B 221 1.73 -15.95 -3.41
N SER B 222 0.51 -15.50 -3.15
CA SER B 222 -0.25 -14.82 -4.20
C SER B 222 0.38 -13.48 -4.55
N GLY B 223 1.05 -12.87 -3.56
CA GLY B 223 1.78 -11.63 -3.77
C GLY B 223 0.94 -10.57 -4.46
N TRP B 224 1.59 -9.85 -5.37
CA TRP B 224 0.95 -8.82 -6.17
C TRP B 224 0.91 -9.27 -7.63
N LEU B 225 0.94 -10.58 -7.83
CA LEU B 225 0.88 -11.21 -9.15
C LEU B 225 -0.43 -10.90 -9.87
N ALA B 226 -0.41 -11.00 -11.20
CA ALA B 226 -1.63 -10.91 -12.01
C ALA B 226 -2.79 -11.59 -11.26
N GLU B 227 -3.90 -10.87 -11.08
CA GLU B 227 -4.98 -11.29 -10.14
C GLU B 227 -5.48 -12.70 -10.48
N GLU B 228 -5.58 -13.05 -11.76
CA GLU B 228 -6.06 -14.39 -12.14
C GLU B 228 -5.15 -15.51 -11.64
N ASP B 229 -3.85 -15.37 -11.85
CA ASP B 229 -2.85 -16.30 -11.31
C ASP B 229 -2.88 -16.29 -9.77
N ALA B 230 -3.00 -15.09 -9.19
CA ALA B 230 -3.00 -14.95 -7.74
C ALA B 230 -4.21 -15.68 -7.17
N ARG B 231 -5.37 -15.53 -7.80
CA ARG B 231 -6.56 -16.24 -7.33
C ARG B 231 -6.44 -17.77 -7.45
N ALA B 232 -5.74 -18.25 -8.48
CA ALA B 232 -5.46 -19.70 -8.59
C ALA B 232 -4.64 -20.22 -7.39
N ILE B 233 -3.61 -19.46 -7.00
CA ILE B 233 -2.77 -19.76 -5.82
C ILE B 233 -3.66 -19.82 -4.55
N GLU B 234 -4.47 -18.78 -4.37
CA GLU B 234 -5.44 -18.73 -3.27
C GLU B 234 -6.36 -19.96 -3.24
N ALA B 235 -6.91 -20.35 -4.39
CA ALA B 235 -7.84 -21.50 -4.45
C ALA B 235 -7.15 -22.81 -4.07
N ARG B 236 -5.92 -22.97 -4.52
CA ARG B 236 -5.16 -24.20 -4.26
C ARG B 236 -4.97 -24.41 -2.76
N LEU B 237 -4.77 -23.32 -2.04
CA LEU B 237 -4.60 -23.35 -0.57
C LEU B 237 -5.96 -23.30 0.18
N THR B 238 -7.00 -22.82 -0.48
CA THR B 238 -8.32 -22.75 0.16
C THR B 238 -9.03 -24.11 0.16
N ARG B 239 -8.90 -24.85 -0.94
CA ARG B 239 -9.60 -26.13 -1.11
C ARG B 239 -9.36 -27.12 0.03
N PRO B 240 -8.07 -27.36 0.40
CA PRO B 240 -7.77 -28.26 1.51
C PRO B 240 -8.41 -27.79 2.82
N VAL B 241 -8.51 -26.49 3.03
CA VAL B 241 -9.13 -25.96 4.25
C VAL B 241 -10.63 -26.27 4.26
N ILE B 242 -11.30 -25.99 3.15
CA ILE B 242 -12.74 -26.31 3.01
C ILE B 242 -13.06 -27.76 3.32
N THR B 243 -12.22 -28.67 2.86
CA THR B 243 -12.44 -30.10 3.03
C THR B 243 -11.83 -30.70 4.31
N SER B 244 -11.29 -29.84 5.17
CA SER B 244 -10.56 -30.29 6.35
C SER B 244 -11.51 -30.77 7.46
N ALA B 245 -10.98 -31.60 8.34
CA ALA B 245 -11.64 -31.96 9.58
C ALA B 245 -11.89 -30.71 10.43
N ASP B 246 -10.90 -29.83 10.51
CA ASP B 246 -11.03 -28.61 11.33
C ASP B 246 -12.20 -27.74 10.90
N ALA B 247 -12.42 -27.58 9.59
CA ALA B 247 -13.52 -26.77 9.09
C ALA B 247 -14.88 -27.29 9.57
N ARG B 248 -15.06 -28.61 9.55
CA ARG B 248 -16.31 -29.24 10.01
C ARG B 248 -16.45 -29.10 11.51
N GLU B 249 -15.34 -29.23 12.22
CA GLU B 249 -15.31 -29.04 13.67
C GLU B 249 -15.75 -27.62 14.03
N GLY B 250 -15.27 -26.63 13.28
CA GLY B 250 -15.72 -25.24 13.44
C GLY B 250 -17.23 -25.12 13.46
N LEU B 251 -17.90 -25.75 12.49
CA LEU B 251 -19.36 -25.77 12.44
C LEU B 251 -19.97 -26.64 13.55
N ALA B 252 -19.60 -27.90 13.61
CA ALA B 252 -20.18 -28.83 14.59
C ALA B 252 -20.05 -28.28 16.02
N ALA B 253 -18.92 -27.63 16.29
CA ALA B 253 -18.71 -26.91 17.54
C ALA B 253 -19.78 -25.83 17.72
N PHE B 254 -20.04 -25.05 16.67
CA PHE B 254 -21.07 -23.99 16.66
C PHE B 254 -22.36 -24.38 15.88
N LYS B 255 -23.20 -25.22 16.47
CA LYS B 255 -23.10 -25.52 17.88
C LYS B 255 -23.68 -26.86 18.35
N GLU B 256 -22.77 -27.73 18.74
CA GLU B 256 -23.00 -28.68 19.83
C GLU B 256 -22.82 -27.95 21.20
N LYS B 257 -22.93 -26.62 21.18
CA LYS B 257 -22.87 -25.77 22.38
C LYS B 257 -21.56 -26.02 23.15
N ARG B 258 -20.46 -25.93 22.41
CA ARG B 258 -19.11 -26.24 22.93
C ARG B 258 -18.02 -25.59 22.06
N GLU B 259 -16.88 -25.26 22.68
CA GLU B 259 -15.73 -24.65 21.96
C GLU B 259 -15.02 -25.66 21.01
N ALA B 260 -14.39 -25.14 19.96
CA ALA B 260 -13.76 -25.98 18.93
C ALA B 260 -12.44 -26.58 19.42
N ARG B 261 -12.22 -27.85 19.08
CA ARG B 261 -10.93 -28.52 19.29
C ARG B 261 -10.31 -28.83 17.92
N PHE B 262 -9.42 -27.96 17.46
CA PHE B 262 -8.81 -28.12 16.13
C PHE B 262 -7.56 -28.99 16.23
N THR B 263 -7.28 -29.72 15.16
CA THR B 263 -6.10 -30.59 15.10
C THR B 263 -5.13 -30.25 13.95
N GLY B 264 -5.51 -29.32 13.08
CA GLY B 264 -4.70 -29.00 11.92
C GLY B 264 -4.86 -29.94 10.74
N ARG B 265 -5.95 -30.71 10.72
CA ARG B 265 -6.26 -31.62 9.61
C ARG B 265 -7.71 -31.40 9.23
N ALA C 8 22.59 -16.74 28.32
CA ALA C 8 23.55 -16.03 27.42
C ALA C 8 23.57 -16.51 25.96
N ARG C 9 22.74 -17.50 25.58
CA ARG C 9 22.61 -17.86 24.15
C ARG C 9 22.20 -16.60 23.38
N GLU C 10 22.81 -16.39 22.20
CA GLU C 10 22.62 -15.14 21.43
C GLU C 10 21.17 -14.99 20.92
N LEU C 11 20.49 -16.11 20.73
CA LEU C 11 19.05 -16.11 20.49
C LEU C 11 18.41 -17.07 21.48
N LEU C 12 17.70 -16.54 22.47
CA LEU C 12 17.01 -17.39 23.42
C LEU C 12 15.72 -17.92 22.79
N VAL C 13 15.46 -19.20 23.00
CA VAL C 13 14.26 -19.84 22.49
C VAL C 13 13.47 -20.37 23.69
N GLU C 14 12.25 -19.92 23.85
CA GLU C 14 11.46 -20.22 25.03
C GLU C 14 10.11 -20.71 24.55
N ARG C 15 9.63 -21.85 25.06
CA ARG C 15 8.34 -22.34 24.61
C ARG C 15 7.32 -22.36 25.74
N ASP C 16 6.20 -21.65 25.55
CA ASP C 16 5.05 -21.69 26.48
C ASP C 16 3.84 -22.26 25.75
N GLY C 17 3.71 -23.58 25.81
CA GLY C 17 2.61 -24.25 25.16
C GLY C 17 2.77 -24.16 23.65
N PRO C 18 1.72 -23.73 22.93
CA PRO C 18 1.75 -23.63 21.48
C PRO C 18 2.44 -22.36 20.95
N VAL C 19 2.98 -21.55 21.86
CA VAL C 19 3.72 -20.34 21.51
C VAL C 19 5.23 -20.50 21.78
N VAL C 20 6.05 -20.12 20.81
CA VAL C 20 7.49 -20.00 21.01
C VAL C 20 7.84 -18.51 21.05
N ILE C 21 8.67 -18.12 22.01
CA ILE C 21 9.18 -16.75 22.12
C ILE C 21 10.66 -16.78 21.82
N LEU C 22 11.07 -16.02 20.82
CA LEU C 22 12.47 -15.87 20.41
C LEU C 22 12.95 -14.50 20.91
N THR C 23 14.07 -14.48 21.66
CA THR C 23 14.61 -13.23 22.19
C THR C 23 16.03 -13.02 21.71
N MET C 24 16.20 -12.00 20.88
CA MET C 24 17.50 -11.60 20.42
C MET C 24 18.23 -11.07 21.66
N ASN C 25 19.41 -11.63 21.94
CA ASN C 25 20.03 -11.55 23.27
C ASN C 25 21.54 -11.24 23.23
N ARG C 26 21.86 -10.04 22.74
CA ARG C 26 23.20 -9.48 22.95
C ARG C 26 23.04 -8.03 23.36
N PRO C 27 22.44 -7.79 24.53
CA PRO C 27 22.09 -6.43 24.94
C PRO C 27 23.27 -5.45 24.98
N HIS C 28 24.47 -5.94 25.30
CA HIS C 28 25.66 -5.09 25.25
C HIS C 28 25.92 -4.51 23.84
N ARG C 29 25.37 -5.16 22.80
CA ARG C 29 25.46 -4.65 21.42
C ARG C 29 24.08 -4.26 20.86
N ARG C 30 23.14 -3.97 21.74
CA ARG C 30 21.77 -3.70 21.36
C ARG C 30 21.24 -4.75 20.39
N ASN C 31 21.58 -6.01 20.66
CA ASN C 31 21.04 -7.19 19.97
C ASN C 31 21.33 -7.23 18.46
N ALA C 32 22.43 -6.60 18.08
CA ALA C 32 22.93 -6.62 16.71
C ALA C 32 23.04 -8.07 16.23
N LEU C 33 22.61 -8.31 14.99
CA LEU C 33 22.74 -9.62 14.35
C LEU C 33 24.20 -9.99 14.27
N SER C 34 24.49 -11.25 14.56
CA SER C 34 25.82 -11.82 14.41
C SER C 34 25.66 -13.10 13.57
N THR C 35 26.78 -13.63 13.09
CA THR C 35 26.82 -14.93 12.42
C THR C 35 26.10 -16.01 13.23
N ASN C 36 26.46 -16.08 14.49
CA ASN C 36 25.89 -17.06 15.39
C ASN C 36 24.37 -16.91 15.53
N MET C 37 23.91 -15.66 15.65
CA MET C 37 22.47 -15.41 15.84
C MET C 37 21.68 -15.81 14.60
N VAL C 38 22.22 -15.46 13.42
CA VAL C 38 21.56 -15.84 12.16
C VAL C 38 21.48 -17.35 12.02
N SER C 39 22.56 -18.03 12.40
CA SER C 39 22.57 -19.48 12.40
C SER C 39 21.50 -20.04 13.33
N GLN C 40 21.41 -19.48 14.52
CA GLN C 40 20.40 -19.91 15.49
C GLN C 40 18.97 -19.58 15.03
N PHE C 41 18.82 -18.44 14.35
CA PHE C 41 17.56 -18.07 13.72
C PHE C 41 17.11 -19.18 12.76
N ALA C 42 18.01 -19.61 11.87
CA ALA C 42 17.67 -20.65 10.89
C ALA C 42 17.20 -21.94 11.58
N ALA C 43 17.92 -22.36 12.61
CA ALA C 43 17.55 -23.53 13.40
C ALA C 43 16.18 -23.36 14.09
N ALA C 44 15.89 -22.16 14.60
CA ALA C 44 14.60 -21.86 15.22
C ALA C 44 13.46 -21.93 14.21
N TRP C 45 13.69 -21.39 13.01
CA TRP C 45 12.64 -21.40 11.98
C TRP C 45 12.30 -22.83 11.62
N ASP C 46 13.34 -23.65 11.44
CA ASP C 46 13.17 -25.06 11.15
C ASP C 46 12.38 -25.77 12.26
N GLU C 47 12.71 -25.48 13.51
CA GLU C 47 12.01 -26.10 14.65
C GLU C 47 10.54 -25.67 14.68
N ILE C 48 10.31 -24.37 14.53
CA ILE C 48 8.96 -23.80 14.49
C ILE C 48 8.13 -24.36 13.33
N ASP C 49 8.72 -24.50 12.14
CA ASP C 49 8.01 -25.08 10.99
C ASP C 49 7.68 -26.58 11.15
N HIS C 50 8.59 -27.34 11.76
CA HIS C 50 8.46 -28.81 11.87
C HIS C 50 7.52 -29.27 12.99
N ASP C 51 7.42 -28.49 14.08
CA ASP C 51 6.71 -28.92 15.30
C ASP C 51 5.26 -28.49 15.23
N ASP C 52 4.36 -29.44 14.97
CA ASP C 52 2.92 -29.15 14.77
C ASP C 52 2.28 -28.53 16.00
N GLY C 53 2.84 -28.78 17.17
CA GLY C 53 2.36 -28.18 18.41
C GLY C 53 2.66 -26.70 18.57
N ILE C 54 3.57 -26.15 17.75
CA ILE C 54 3.82 -24.71 17.76
C ILE C 54 2.86 -24.06 16.78
N ARG C 55 2.01 -23.18 17.28
CA ARG C 55 1.00 -22.51 16.48
C ARG C 55 1.29 -21.01 16.24
N ALA C 56 2.23 -20.44 16.98
CA ALA C 56 2.63 -19.04 16.77
C ALA C 56 4.02 -18.76 17.39
N ALA C 57 4.74 -17.81 16.80
CA ALA C 57 6.04 -17.39 17.30
C ALA C 57 6.06 -15.90 17.57
N ILE C 58 6.76 -15.50 18.62
CA ILE C 58 6.95 -14.09 18.94
C ILE C 58 8.45 -13.82 18.87
N LEU C 59 8.80 -12.69 18.25
CA LEU C 59 10.19 -12.24 18.17
C LEU C 59 10.29 -10.93 18.96
N THR C 60 11.30 -10.85 19.82
CA THR C 60 11.58 -9.64 20.63
C THR C 60 13.08 -9.52 20.94
N GLY C 61 13.48 -8.43 21.61
CA GLY C 61 14.89 -8.20 22.00
C GLY C 61 15.10 -8.09 23.51
N ALA C 62 16.31 -8.45 23.96
CA ALA C 62 16.67 -8.37 25.38
C ALA C 62 16.99 -6.92 25.72
N GLY C 63 16.53 -6.47 26.89
CA GLY C 63 16.83 -5.10 27.36
C GLY C 63 16.13 -3.98 26.58
N SER C 64 16.87 -2.91 26.30
CA SER C 64 16.28 -1.66 25.82
C SER C 64 15.95 -1.71 24.34
N ALA C 65 16.75 -2.46 23.57
CA ALA C 65 16.65 -2.50 22.12
C ALA C 65 15.94 -3.76 21.64
N TYR C 66 15.24 -3.64 20.50
CA TYR C 66 14.77 -4.79 19.73
C TYR C 66 15.97 -5.40 19.00
N CYS C 67 16.47 -4.70 17.98
CA CYS C 67 17.66 -5.15 17.23
C CYS C 67 18.16 -4.03 16.34
N VAL C 68 19.41 -3.63 16.56
CA VAL C 68 20.02 -2.54 15.82
C VAL C 68 20.86 -3.15 14.66
N GLY C 69 20.64 -4.44 14.38
CA GLY C 69 21.27 -5.10 13.24
C GLY C 69 22.70 -5.49 13.49
N ASP C 87 -22.74 -22.00 -13.01
CA ASP C 87 -23.34 -21.73 -11.70
C ASP C 87 -22.29 -21.43 -10.60
N PRO C 88 -21.18 -22.20 -10.58
CA PRO C 88 -19.98 -21.66 -9.98
C PRO C 88 -19.62 -20.30 -10.61
N ALA C 89 -19.88 -20.17 -11.91
CA ALA C 89 -19.76 -18.89 -12.63
C ALA C 89 -20.63 -17.80 -12.01
N THR C 90 -21.83 -18.17 -11.54
CA THR C 90 -22.74 -17.22 -10.91
C THR C 90 -22.28 -16.78 -9.51
N ILE C 91 -21.75 -17.71 -8.70
CA ILE C 91 -21.23 -17.36 -7.38
C ILE C 91 -20.00 -16.46 -7.53
N GLY C 92 -19.13 -16.83 -8.48
CA GLY C 92 -17.92 -16.07 -8.76
C GLY C 92 -18.24 -14.65 -9.17
N LYS C 93 -19.23 -14.49 -10.05
CA LYS C 93 -19.67 -13.16 -10.47
C LYS C 93 -20.35 -12.41 -9.34
N GLY C 94 -21.30 -13.07 -8.66
CA GLY C 94 -22.05 -12.44 -7.56
C GLY C 94 -21.15 -11.83 -6.49
N LEU C 95 -20.13 -12.57 -6.09
CA LEU C 95 -19.19 -12.12 -5.06
C LEU C 95 -18.11 -11.19 -5.60
N LEU C 96 -18.17 -10.88 -6.90
CA LEU C 96 -17.12 -10.13 -7.58
C LEU C 96 -15.76 -10.79 -7.38
N LEU C 97 -15.75 -12.12 -7.33
CA LEU C 97 -14.51 -12.89 -7.25
C LEU C 97 -13.87 -13.00 -8.61
N SER C 98 -14.65 -13.41 -9.62
CA SER C 98 -14.18 -13.56 -10.98
C SER C 98 -14.75 -12.48 -11.90
N HIS C 99 -15.46 -11.50 -11.34
CA HIS C 99 -15.99 -10.39 -12.12
C HIS C 99 -15.59 -9.04 -11.50
N THR C 100 -15.27 -8.08 -12.34
CA THR C 100 -15.04 -6.70 -11.94
C THR C 100 -16.12 -5.81 -12.57
N LEU C 101 -16.79 -5.00 -11.75
CA LEU C 101 -17.88 -4.14 -12.22
C LEU C 101 -17.27 -3.02 -13.07
N THR C 102 -17.97 -2.66 -14.15
CA THR C 102 -17.48 -1.68 -15.11
C THR C 102 -17.79 -0.23 -14.68
N LYS C 103 -18.70 -0.08 -13.71
CA LYS C 103 -19.07 1.22 -13.15
C LYS C 103 -18.55 1.38 -11.71
N PRO C 104 -18.37 2.62 -11.25
CA PRO C 104 -17.92 2.78 -9.83
C PRO C 104 -18.93 2.22 -8.85
N LEU C 105 -18.40 1.61 -7.77
CA LEU C 105 -19.18 0.96 -6.76
C LEU C 105 -18.77 1.56 -5.43
N ILE C 106 -19.72 2.22 -4.80
CA ILE C 106 -19.52 2.92 -3.53
C ILE C 106 -20.16 2.11 -2.41
N ALA C 107 -19.37 1.76 -1.40
CA ALA C 107 -19.88 1.07 -0.21
C ALA C 107 -20.28 2.09 0.85
N ALA C 108 -21.55 2.05 1.23
CA ALA C 108 -22.05 2.79 2.37
C ALA C 108 -22.14 1.78 3.52
N VAL C 109 -21.06 1.70 4.29
CA VAL C 109 -20.96 0.67 5.32
C VAL C 109 -21.65 1.22 6.58
N ASN C 110 -22.92 0.87 6.72
CA ASN C 110 -23.81 1.39 7.77
C ASN C 110 -23.73 0.67 9.12
N GLY C 111 -22.87 -0.35 9.21
CA GLY C 111 -22.78 -1.20 10.40
C GLY C 111 -21.73 -2.27 10.20
N ALA C 112 -21.86 -3.37 10.95
CA ALA C 112 -20.87 -4.44 10.95
C ALA C 112 -20.64 -4.97 9.52
N CYS C 113 -19.37 -5.17 9.17
CA CYS C 113 -18.97 -5.63 7.85
C CYS C 113 -17.94 -6.74 8.07
N LEU C 114 -18.44 -7.98 8.11
CA LEU C 114 -17.66 -9.14 8.54
C LEU C 114 -17.77 -10.27 7.54
N GLY C 115 -16.71 -11.07 7.42
CA GLY C 115 -16.74 -12.24 6.56
C GLY C 115 -17.02 -11.86 5.11
N GLY C 116 -17.97 -12.56 4.49
CA GLY C 116 -18.36 -12.30 3.08
C GLY C 116 -18.55 -10.84 2.73
N GLY C 117 -19.13 -10.08 3.66
CA GLY C 117 -19.32 -8.63 3.50
C GLY C 117 -18.01 -7.89 3.34
N CYS C 118 -17.02 -8.27 4.17
CA CYS C 118 -15.69 -7.66 4.11
C CYS C 118 -14.87 -8.20 2.92
N GLU C 119 -15.16 -9.42 2.45
CA GLU C 119 -14.50 -9.91 1.22
C GLU C 119 -14.98 -9.10 0.01
N MET C 120 -16.30 -8.96 -0.13
CA MET C 120 -16.85 -8.19 -1.23
C MET C 120 -16.48 -6.71 -1.18
N LEU C 121 -16.24 -6.16 0.02
CA LEU C 121 -15.83 -4.76 0.18
C LEU C 121 -14.58 -4.41 -0.61
N GLN C 122 -13.68 -5.39 -0.75
CA GLN C 122 -12.41 -5.18 -1.45
C GLN C 122 -12.58 -4.98 -2.95
N GLN C 123 -13.75 -5.33 -3.48
CA GLN C 123 -14.08 -5.07 -4.86
C GLN C 123 -14.97 -3.82 -5.05
N THR C 124 -15.29 -3.11 -3.97
CA THR C 124 -15.90 -1.79 -4.08
C THR C 124 -14.77 -0.79 -4.30
N ASP C 125 -15.07 0.37 -4.83
CA ASP C 125 -14.05 1.36 -5.19
C ASP C 125 -13.86 2.42 -4.13
N ILE C 126 -14.98 2.95 -3.65
CA ILE C 126 -14.98 4.13 -2.79
C ILE C 126 -15.80 3.73 -1.58
N ARG C 127 -15.32 4.05 -0.38
CA ARG C 127 -15.85 3.40 0.83
C ARG C 127 -16.09 4.40 1.95
N VAL C 128 -17.34 4.41 2.44
CA VAL C 128 -17.76 5.29 3.53
C VAL C 128 -18.15 4.43 4.73
N SER C 129 -17.50 4.66 5.89
CA SER C 129 -17.84 3.90 7.08
C SER C 129 -18.61 4.74 8.12
N ASP C 130 -19.75 4.22 8.56
CA ASP C 130 -20.41 4.70 9.78
C ASP C 130 -19.41 4.63 10.94
N GLU C 131 -19.48 5.57 11.87
CA GLU C 131 -18.58 5.58 13.01
C GLU C 131 -18.69 4.31 13.84
N HIS C 132 -19.80 3.59 13.73
CA HIS C 132 -20.00 2.38 14.54
C HIS C 132 -19.75 1.09 13.75
N ALA C 133 -19.43 1.20 12.47
CA ALA C 133 -19.08 0.02 11.69
C ALA C 133 -17.82 -0.66 12.23
N THR C 134 -17.77 -1.97 12.05
CA THR C 134 -16.54 -2.73 12.29
C THR C 134 -16.25 -3.55 11.02
N PHE C 135 -15.00 -3.97 10.86
CA PHE C 135 -14.47 -4.65 9.66
C PHE C 135 -13.59 -5.84 10.04
N GLY C 136 -13.98 -7.04 9.62
CA GLY C 136 -13.28 -8.24 10.03
C GLY C 136 -13.47 -9.47 9.15
N LEU C 137 -12.52 -10.38 9.26
CA LEU C 137 -12.53 -11.63 8.51
C LEU C 137 -12.27 -12.76 9.50
N PRO C 138 -13.31 -13.20 10.25
CA PRO C 138 -13.15 -14.14 11.36
C PRO C 138 -12.99 -15.60 10.98
N GLU C 139 -12.86 -15.86 9.67
CA GLU C 139 -12.91 -17.21 9.15
C GLU C 139 -12.00 -18.22 9.88
N VAL C 140 -10.75 -17.83 10.15
CA VAL C 140 -9.78 -18.71 10.81
C VAL C 140 -10.21 -19.17 12.20
N GLN C 141 -11.06 -18.38 12.84
CA GLN C 141 -11.55 -18.73 14.17
C GLN C 141 -12.49 -19.93 14.16
N ARG C 142 -13.08 -20.19 12.98
CA ARG C 142 -13.97 -21.34 12.76
C ARG C 142 -13.32 -22.42 11.86
N GLY C 143 -12.00 -22.33 11.66
CA GLY C 143 -11.27 -23.32 10.86
C GLY C 143 -11.43 -23.15 9.37
N LEU C 144 -11.74 -21.91 8.94
CA LEU C 144 -11.96 -21.57 7.54
C LEU C 144 -11.00 -20.46 7.17
N VAL C 145 -10.99 -20.10 5.89
CA VAL C 145 -10.20 -18.96 5.41
C VAL C 145 -11.09 -18.04 4.58
N PRO C 146 -10.75 -16.74 4.52
CA PRO C 146 -11.46 -15.84 3.63
C PRO C 146 -10.94 -16.01 2.20
N GLY C 147 -11.46 -17.02 1.51
CA GLY C 147 -11.00 -17.41 0.19
C GLY C 147 -11.78 -16.84 -0.99
N ALA C 148 -12.59 -15.81 -0.75
CA ALA C 148 -13.23 -15.06 -1.81
C ALA C 148 -12.43 -13.80 -2.15
N GLY C 149 -11.13 -13.99 -2.36
CA GLY C 149 -10.23 -12.93 -2.81
C GLY C 149 -9.41 -12.20 -1.75
N SER C 150 -9.74 -12.36 -0.48
CA SER C 150 -9.13 -11.51 0.56
C SER C 150 -7.64 -11.75 0.72
N MET C 151 -7.21 -12.99 0.53
CA MET C 151 -5.81 -13.33 0.74
C MET C 151 -4.95 -12.77 -0.41
N VAL C 152 -5.52 -12.75 -1.61
CA VAL C 152 -4.92 -12.06 -2.76
C VAL C 152 -4.86 -10.55 -2.50
N ARG C 153 -6.02 -9.96 -2.22
CA ARG C 153 -6.24 -8.53 -2.33
C ARG C 153 -5.97 -7.65 -1.09
N LEU C 154 -6.25 -8.14 0.12
CA LEU C 154 -6.28 -7.23 1.30
C LEU C 154 -4.94 -6.54 1.53
N LYS C 155 -3.85 -7.29 1.45
CA LYS C 155 -2.50 -6.72 1.58
C LYS C 155 -2.13 -5.73 0.46
N ARG C 156 -2.80 -5.82 -0.70
CA ARG C 156 -2.58 -4.85 -1.78
C ARG C 156 -3.27 -3.52 -1.51
N GLN C 157 -4.28 -3.52 -0.64
CA GLN C 157 -5.16 -2.35 -0.45
C GLN C 157 -4.91 -1.57 0.82
N ILE C 158 -4.40 -2.25 1.85
CA ILE C 158 -4.02 -1.66 3.13
C ILE C 158 -2.64 -2.19 3.51
N PRO C 159 -2.00 -1.55 4.49
CA PRO C 159 -0.71 -2.01 4.97
C PRO C 159 -0.63 -3.49 5.33
N TYR C 160 0.37 -4.14 4.74
CA TYR C 160 0.63 -5.55 4.81
C TYR C 160 0.43 -6.09 6.23
N THR C 161 1.06 -5.46 7.21
CA THR C 161 0.95 -5.96 8.59
C THR C 161 -0.49 -5.96 9.14
N LYS C 162 -1.32 -4.98 8.78
CA LYS C 162 -2.71 -5.02 9.27
C LYS C 162 -3.57 -6.03 8.49
N ALA C 163 -3.27 -6.20 7.20
CA ALA C 163 -3.93 -7.24 6.40
C ALA C 163 -3.64 -8.62 7.00
N MET C 164 -2.37 -8.85 7.32
CA MET C 164 -1.97 -10.11 7.93
C MET C 164 -2.65 -10.32 9.25
N GLU C 165 -2.64 -9.30 10.07
CA GLU C 165 -3.26 -9.34 11.40
C GLU C 165 -4.74 -9.68 11.30
N MET C 166 -5.44 -8.98 10.42
CA MET C 166 -6.88 -9.21 10.27
C MET C 166 -7.17 -10.68 9.93
N ILE C 167 -6.45 -11.24 8.95
CA ILE C 167 -6.77 -12.59 8.44
C ILE C 167 -6.29 -13.69 9.40
N LEU C 168 -5.10 -13.50 9.97
CA LEU C 168 -4.53 -14.51 10.83
C LEU C 168 -5.15 -14.54 12.22
N THR C 169 -5.54 -13.39 12.78
CA THR C 169 -6.18 -13.36 14.12
C THR C 169 -7.67 -13.52 14.01
N GLY C 170 -8.25 -13.02 12.92
CA GLY C 170 -9.69 -13.01 12.74
C GLY C 170 -10.44 -11.91 13.48
N GLU C 171 -9.70 -10.99 14.10
CA GLU C 171 -10.32 -9.95 14.92
C GLU C 171 -10.60 -8.70 14.11
N PRO C 172 -11.69 -8.00 14.43
CA PRO C 172 -12.16 -6.90 13.60
C PRO C 172 -11.44 -5.56 13.86
N LEU C 173 -11.48 -4.66 12.89
CA LEU C 173 -11.06 -3.28 13.08
C LEU C 173 -12.27 -2.43 13.46
N THR C 174 -12.03 -1.39 14.26
CA THR C 174 -13.04 -0.35 14.45
C THR C 174 -13.07 0.54 13.20
N ALA C 175 -14.08 1.41 13.10
CA ALA C 175 -14.15 2.36 11.99
C ALA C 175 -12.91 3.27 11.95
N PHE C 176 -12.49 3.74 13.12
CA PHE C 176 -11.31 4.61 13.24
C PHE C 176 -10.04 3.90 12.72
N GLU C 177 -9.89 2.63 13.07
CA GLU C 177 -8.76 1.81 12.57
C GLU C 177 -8.87 1.57 11.06
N ALA C 178 -10.08 1.25 10.60
CA ALA C 178 -10.29 1.01 9.18
C ALA C 178 -9.86 2.26 8.38
N TYR C 179 -10.23 3.43 8.88
CA TYR C 179 -9.84 4.67 8.23
C TYR C 179 -8.32 4.92 8.35
N HIS C 180 -7.76 4.68 9.52
CA HIS C 180 -6.31 4.83 9.73
C HIS C 180 -5.45 4.06 8.75
N PHE C 181 -5.82 2.80 8.54
CA PHE C 181 -5.08 1.91 7.65
C PHE C 181 -5.58 1.97 6.20
N GLY C 182 -6.55 2.82 5.94
CA GLY C 182 -7.03 3.08 4.58
C GLY C 182 -7.88 2.00 3.96
N LEU C 183 -8.51 1.14 4.78
CA LEU C 183 -9.52 0.20 4.28
C LEU C 183 -10.74 0.96 3.75
N VAL C 184 -11.06 2.08 4.41
CA VAL C 184 -12.12 2.98 4.01
C VAL C 184 -11.57 4.39 3.79
N GLY C 185 -12.32 5.21 3.05
CA GLY C 185 -11.90 6.54 2.64
C GLY C 185 -12.52 7.65 3.46
N HIS C 186 -13.56 7.30 4.24
CA HIS C 186 -14.30 8.25 5.08
C HIS C 186 -14.89 7.53 6.29
N VAL C 187 -14.98 8.27 7.41
CA VAL C 187 -15.76 7.87 8.59
C VAL C 187 -16.76 8.98 8.87
N VAL C 188 -18.02 8.61 9.07
CA VAL C 188 -19.09 9.59 9.20
C VAL C 188 -20.00 9.29 10.39
N PRO C 189 -20.75 10.31 10.85
CA PRO C 189 -21.60 10.09 12.03
C PRO C 189 -22.64 9.00 11.81
N ALA C 190 -23.06 8.40 12.91
CA ALA C 190 -24.04 7.33 12.94
C ALA C 190 -25.20 7.62 12.01
N GLY C 191 -25.52 6.64 11.17
CA GLY C 191 -26.70 6.72 10.31
C GLY C 191 -26.54 7.55 9.06
N THR C 192 -25.33 8.06 8.80
CA THR C 192 -25.16 8.96 7.65
C THR C 192 -24.31 8.40 6.51
N ALA C 193 -23.90 7.14 6.57
CA ALA C 193 -23.09 6.57 5.47
C ALA C 193 -23.78 6.62 4.13
N LEU C 194 -25.06 6.25 4.04
CA LEU C 194 -25.74 6.29 2.75
C LEU C 194 -25.81 7.74 2.23
N ASP C 195 -26.09 8.70 3.11
CA ASP C 195 -26.14 10.13 2.73
C ASP C 195 -24.81 10.54 2.05
N LYS C 196 -23.69 10.20 2.70
CA LYS C 196 -22.38 10.52 2.15
C LYS C 196 -22.09 9.77 0.84
N ALA C 197 -22.46 8.50 0.76
CA ALA C 197 -22.28 7.71 -0.47
C ALA C 197 -23.05 8.34 -1.63
N ARG C 198 -24.24 8.89 -1.35
CA ARG C 198 -25.06 9.54 -2.38
C ARG C 198 -24.42 10.82 -2.88
N SER C 199 -23.84 11.57 -1.95
CA SER C 199 -23.09 12.77 -2.32
C SER C 199 -21.90 12.39 -3.23
N LEU C 200 -21.19 11.33 -2.88
CA LEU C 200 -20.08 10.88 -3.71
C LEU C 200 -20.57 10.43 -5.09
N ALA C 201 -21.68 9.70 -5.13
CA ALA C 201 -22.22 9.21 -6.38
C ALA C 201 -22.62 10.39 -7.30
N ASP C 202 -23.10 11.46 -6.68
CA ASP C 202 -23.55 12.65 -7.40
C ASP C 202 -22.39 13.30 -8.14
N ARG C 203 -21.26 13.40 -7.46
CA ARG C 203 -20.05 13.93 -8.07
C ARG C 203 -19.61 13.04 -9.26
N ILE C 204 -19.64 11.72 -9.05
CA ILE C 204 -19.20 10.80 -10.10
C ILE C 204 -20.13 10.88 -11.30
N VAL C 205 -21.44 10.98 -11.04
CA VAL C 205 -22.46 11.08 -12.07
C VAL C 205 -22.26 12.30 -12.98
N ARG C 206 -21.70 13.36 -12.43
CA ARG C 206 -21.44 14.59 -13.15
C ARG C 206 -20.13 14.52 -13.94
N ASN C 207 -19.37 13.43 -13.75
CA ASN C 207 -18.10 13.25 -14.45
C ASN C 207 -18.28 12.53 -15.77
N GLY C 208 -17.27 12.60 -16.63
CA GLY C 208 -17.38 11.98 -17.96
C GLY C 208 -17.54 10.46 -17.88
N PRO C 209 -18.67 9.93 -18.38
CA PRO C 209 -18.91 8.46 -18.24
C PRO C 209 -17.90 7.53 -18.91
N LEU C 210 -17.41 7.91 -20.10
CA LEU C 210 -16.38 7.15 -20.79
C LEU C 210 -15.07 7.27 -20.01
N ALA C 211 -14.78 8.49 -19.56
CA ALA C 211 -13.59 8.75 -18.79
C ALA C 211 -13.59 7.91 -17.49
N VAL C 212 -14.69 7.96 -16.74
CA VAL C 212 -14.84 7.19 -15.50
C VAL C 212 -14.71 5.68 -15.71
N ARG C 213 -15.44 5.16 -16.67
CA ARG C 213 -15.39 3.74 -17.03
C ARG C 213 -13.97 3.29 -17.41
N ASN C 214 -13.33 4.04 -18.32
CA ASN C 214 -11.98 3.70 -18.78
C ASN C 214 -10.95 3.88 -17.69
N ALA C 215 -11.16 4.85 -16.79
CA ALA C 215 -10.24 5.07 -15.68
C ALA C 215 -10.29 3.89 -14.73
N LYS C 216 -11.50 3.46 -14.33
CA LYS C 216 -11.62 2.31 -13.45
C LYS C 216 -11.00 1.08 -14.05
N GLU C 217 -11.30 0.83 -15.33
CA GLU C 217 -10.73 -0.33 -16.01
C GLU C 217 -9.21 -0.26 -16.02
N ALA C 218 -8.64 0.93 -16.28
CA ALA C 218 -7.19 1.07 -16.38
C ALA C 218 -6.54 0.86 -15.01
N ILE C 219 -7.17 1.40 -13.96
CA ILE C 219 -6.69 1.23 -12.60
C ILE C 219 -6.66 -0.25 -12.25
N VAL C 220 -7.76 -0.96 -12.49
CA VAL C 220 -7.86 -2.35 -12.09
C VAL C 220 -6.97 -3.26 -12.93
N ARG C 221 -7.04 -3.14 -14.26
CA ARG C 221 -6.31 -4.06 -15.15
C ARG C 221 -4.79 -3.87 -15.14
N SER C 222 -4.32 -2.64 -14.95
CA SER C 222 -2.88 -2.43 -14.86
C SER C 222 -2.32 -3.14 -13.64
N GLY C 223 -3.15 -3.30 -12.61
CA GLY C 223 -2.73 -3.99 -11.40
C GLY C 223 -1.38 -3.49 -10.88
N TRP C 224 -0.60 -4.45 -10.38
CA TRP C 224 0.74 -4.19 -9.83
C TRP C 224 1.77 -4.82 -10.76
N LEU C 225 1.39 -4.99 -12.03
CA LEU C 225 2.20 -5.65 -13.04
C LEU C 225 3.44 -4.84 -13.38
N ALA C 226 4.46 -5.50 -13.95
CA ALA C 226 5.60 -4.83 -14.56
C ALA C 226 5.15 -3.53 -15.20
N GLU C 227 5.81 -2.43 -14.85
CA GLU C 227 5.32 -1.09 -15.22
C GLU C 227 5.19 -0.89 -16.72
N GLU C 228 6.10 -1.47 -17.50
CA GLU C 228 6.01 -1.39 -18.95
C GLU C 228 4.68 -1.93 -19.50
N ASP C 229 4.27 -3.10 -19.04
CA ASP C 229 2.99 -3.73 -19.45
C ASP C 229 1.81 -2.95 -18.90
N ALA C 230 1.92 -2.52 -17.65
CA ALA C 230 0.86 -1.77 -16.98
C ALA C 230 0.59 -0.46 -17.70
N ARG C 231 1.64 0.23 -18.12
CA ARG C 231 1.47 1.51 -18.82
C ARG C 231 0.87 1.33 -20.21
N ALA C 232 1.16 0.20 -20.84
CA ALA C 232 0.58 -0.10 -22.15
C ALA C 232 -0.94 -0.29 -22.03
N ILE C 233 -1.36 -0.96 -20.98
CA ILE C 233 -2.78 -1.12 -20.65
C ILE C 233 -3.43 0.23 -20.41
N GLU C 234 -2.79 1.08 -19.59
CA GLU C 234 -3.25 2.45 -19.33
C GLU C 234 -3.35 3.28 -20.62
N ALA C 235 -2.31 3.21 -21.45
CA ALA C 235 -2.28 4.00 -22.69
C ALA C 235 -3.41 3.56 -23.64
N ARG C 236 -3.62 2.26 -23.79
CA ARG C 236 -4.74 1.75 -24.57
C ARG C 236 -6.10 2.35 -24.15
N LEU C 237 -6.35 2.44 -22.84
CA LEU C 237 -7.64 2.90 -22.34
C LEU C 237 -7.73 4.44 -22.32
N THR C 238 -6.58 5.11 -22.27
CA THR C 238 -6.51 6.55 -22.27
C THR C 238 -6.76 7.16 -23.66
N ARG C 239 -6.21 6.53 -24.70
CA ARG C 239 -6.26 7.11 -26.05
C ARG C 239 -7.67 7.49 -26.56
N PRO C 240 -8.66 6.59 -26.47
CA PRO C 240 -10.03 6.90 -26.87
C PRO C 240 -10.70 8.02 -26.04
N VAL C 241 -10.29 8.17 -24.79
CA VAL C 241 -10.76 9.27 -23.93
C VAL C 241 -10.25 10.62 -24.47
N ILE C 242 -8.95 10.70 -24.80
CA ILE C 242 -8.34 11.97 -25.26
C ILE C 242 -9.02 12.53 -26.51
N THR C 243 -9.42 11.65 -27.42
CA THR C 243 -9.99 12.06 -28.68
C THR C 243 -11.52 12.14 -28.63
N SER C 244 -12.11 11.99 -27.44
CA SER C 244 -13.58 11.85 -27.35
C SER C 244 -14.30 13.20 -27.43
N ALA C 245 -15.57 13.14 -27.81
CA ALA C 245 -16.46 14.30 -27.74
C ALA C 245 -16.51 14.84 -26.32
N ASP C 246 -16.67 13.96 -25.35
CA ASP C 246 -16.78 14.39 -23.93
C ASP C 246 -15.55 15.16 -23.47
N ALA C 247 -14.36 14.82 -23.98
CA ALA C 247 -13.17 15.57 -23.59
C ALA C 247 -13.23 17.00 -24.10
N ARG C 248 -13.65 17.21 -25.36
CA ARG C 248 -13.82 18.58 -25.90
C ARG C 248 -14.82 19.35 -25.02
N GLU C 249 -15.97 18.74 -24.76
CA GLU C 249 -17.01 19.37 -23.96
C GLU C 249 -16.55 19.64 -22.52
N GLY C 250 -16.01 18.63 -21.87
CA GLY C 250 -15.51 18.78 -20.51
C GLY C 250 -14.59 19.97 -20.37
N LEU C 251 -13.66 20.12 -21.30
CA LEU C 251 -12.70 21.21 -21.23
C LEU C 251 -13.29 22.57 -21.64
N ALA C 252 -14.26 22.55 -22.56
CA ALA C 252 -15.03 23.75 -22.87
C ALA C 252 -15.90 24.20 -21.70
N ALA C 253 -16.60 23.27 -21.06
CA ALA C 253 -17.51 23.63 -19.95
C ALA C 253 -16.74 24.27 -18.79
N PHE C 254 -15.58 23.67 -18.48
CA PHE C 254 -14.69 24.18 -17.45
C PHE C 254 -14.26 25.61 -17.79
N LYS C 255 -13.80 25.82 -19.02
CA LYS C 255 -13.40 27.16 -19.47
C LYS C 255 -14.57 28.14 -19.52
N GLU C 256 -15.77 27.66 -19.82
CA GLU C 256 -16.93 28.54 -20.03
C GLU C 256 -17.75 28.75 -18.76
N LYS C 257 -17.41 28.02 -17.70
CA LYS C 257 -17.96 28.23 -16.35
C LYS C 257 -19.38 27.66 -16.23
N ARG C 258 -19.55 26.43 -16.74
CA ARG C 258 -20.86 25.81 -16.83
C ARG C 258 -20.73 24.32 -16.70
N GLU C 259 -21.84 23.67 -16.34
CA GLU C 259 -21.88 22.21 -16.23
C GLU C 259 -21.59 21.53 -17.57
N ALA C 260 -20.71 20.53 -17.54
CA ALA C 260 -20.44 19.73 -18.72
C ALA C 260 -21.67 18.89 -19.01
N ARG C 261 -22.01 18.78 -20.30
CA ARG C 261 -23.07 17.92 -20.77
C ARG C 261 -22.44 16.74 -21.48
N PHE C 262 -22.19 15.67 -20.75
CA PHE C 262 -21.47 14.50 -21.27
C PHE C 262 -22.44 13.48 -21.87
N THR C 263 -21.96 12.72 -22.86
CA THR C 263 -22.75 11.69 -23.52
C THR C 263 -22.10 10.29 -23.49
N GLY C 264 -20.86 10.21 -22.99
CA GLY C 264 -20.09 8.97 -23.04
C GLY C 264 -19.47 8.68 -24.40
N ARG C 265 -19.48 9.68 -25.30
CA ARG C 265 -18.84 9.58 -26.61
C ARG C 265 -17.70 10.59 -26.67
C1 GOL D . 15.51 -19.23 -3.66
O1 GOL D . 15.56 -19.55 -5.04
C2 GOL D . 15.72 -17.74 -3.40
O2 GOL D . 15.18 -16.92 -4.43
C3 GOL D . 17.19 -17.35 -3.19
O3 GOL D . 18.03 -18.29 -3.79
I IOD E . -5.76 20.56 -12.87
I IOD F . 13.95 22.09 -24.21
I IOD G . 12.03 31.97 -16.47
I IOD H . 13.06 23.12 7.86
I IOD I . 2.86 30.27 2.35
I IOD J . -7.28 -15.12 23.30
I IOD K . 0.91 4.49 23.94
I IOD L . 26.33 -14.16 8.03
I IOD M . 25.66 1.16 8.36
I IOD N . -23.47 -31.02 12.58
I IOD O . -0.33 1.40 1.82
I IOD P . 6.44 -8.50 1.37
I IOD Q . -20.48 -16.53 2.36
I IOD R . -31.68 -6.25 -10.88
I IOD S . 1.88 -27.45 23.36
I IOD T . 18.54 -1.81 30.51
I IOD U . 15.93 -23.92 17.86
I IOD V . 22.00 0.24 12.57
I IOD W . 25.47 -18.37 21.44
I IOD X . -7.36 -5.33 -5.67
I IOD Y . -18.86 -13.29 9.87
I IOD Z . -18.18 15.45 -3.62
I IOD AA . -25.10 26.02 -19.44
I IOD BA . -17.61 10.44 13.10
I IOD CA . -20.10 5.02 -21.83
#